data_4X6Y
#
_entry.id   4X6Y
#
_cell.length_a   129.228
_cell.length_b   80.722
_cell.length_c   87.326
_cell.angle_alpha   90.000
_cell.angle_beta   126.220
_cell.angle_gamma   90.000
#
_symmetry.space_group_name_H-M   'C 1 2 1'
#
loop_
_entity.id
_entity.type
_entity.pdbx_description
1 polymer 'Bifunctional epoxide hydrolase 2'
2 non-polymer 4-phenoxy-N-[(1S,2R)-2-phenylcyclopropyl]piperidine-1-carboxamide
3 water water
#
_entity_poly.entity_id   1
_entity_poly.type   'polypeptide(L)'
_entity_poly.pdbx_seq_one_letter_code
;MKKGHHHHHHTSCNPSDMSHGYVTVKPRVRLHFVELGSGPAVCLCHGFPESWYSWRYQIPALAQAGYRVLAMDMKGYGES
SAPPEIEEYCMEVLCKEMVTFLDKLGLSQAVFIGHDWGGMLVWYMALFYPERVRAVASLNTPFIPANPNMSPLESIKANP
VFDYQLYFQEPGVAEAELEQNLSRTFKSLFRASDESVLSMHKVCEAGGLFVNSPEEPSLSRMVTEEEIQFYVQQFKKSGF
RGPLNWYRNMERNWKWACKSLGRKILIPALMVTAEKDFVLVPQMSQHMEDWIPHLKRGHIEDCGHWTQMDKPTEVNQILI
KWLDSDARNPPVVSKM
;
_entity_poly.pdbx_strand_id   A,B
#
loop_
_chem_comp.id
_chem_comp.type
_chem_comp.name
_chem_comp.formula
S94 non-polymer 4-phenoxy-N-[(1S,2R)-2-phenylcyclopropyl]piperidine-1-carboxamide 'C21 H24 N2 O2'
#
# COMPACT_ATOMS: atom_id res chain seq x y z
N THR A 11 -3.07 -19.85 -8.18
CA THR A 11 -2.50 -19.21 -9.40
C THR A 11 -3.07 -17.81 -9.70
N SER A 12 -4.22 -17.44 -9.15
CA SER A 12 -4.83 -16.15 -9.43
C SER A 12 -5.21 -15.33 -8.20
N CYS A 13 -5.49 -14.05 -8.43
CA CYS A 13 -5.84 -13.07 -7.38
C CYS A 13 -7.32 -12.85 -7.27
N ASN A 14 -7.81 -12.80 -6.04
CA ASN A 14 -9.15 -12.34 -5.72
C ASN A 14 -9.09 -10.89 -5.20
N PRO A 15 -9.70 -9.94 -5.93
CA PRO A 15 -9.70 -8.51 -5.61
C PRO A 15 -9.81 -8.15 -4.11
N SER A 16 -10.84 -8.68 -3.44
CA SER A 16 -11.07 -8.38 -2.01
C SER A 16 -10.02 -8.99 -1.04
N ASP A 17 -9.18 -9.91 -1.52
CA ASP A 17 -8.07 -10.44 -0.71
C ASP A 17 -6.72 -9.73 -0.94
N MET A 18 -6.73 -8.62 -1.68
CA MET A 18 -5.50 -7.91 -2.00
C MET A 18 -5.34 -6.67 -1.13
N SER A 19 -4.09 -6.27 -0.87
CA SER A 19 -3.79 -4.95 -0.32
C SER A 19 -3.93 -3.92 -1.44
N HIS A 20 -4.73 -2.90 -1.20
CA HIS A 20 -5.04 -1.85 -2.16
C HIS A 20 -4.40 -0.55 -1.69
N GLY A 21 -3.52 0.00 -2.51
CA GLY A 21 -2.78 1.21 -2.17
C GLY A 21 -3.16 2.38 -3.05
N TYR A 22 -3.05 3.59 -2.50
CA TYR A 22 -3.46 4.80 -3.20
C TYR A 22 -2.44 5.88 -2.94
N VAL A 23 -1.94 6.49 -4.01
CA VAL A 23 -0.94 7.55 -3.94
C VAL A 23 -1.42 8.72 -4.78
N THR A 24 -1.41 9.91 -4.19
CA THR A 24 -1.72 11.14 -4.90
C THR A 24 -0.44 11.67 -5.53
N VAL A 25 -0.43 11.77 -6.85
CA VAL A 25 0.78 12.21 -7.57
C VAL A 25 0.75 13.68 -7.91
N LYS A 26 -0.44 14.26 -7.95
CA LYS A 26 -0.62 15.71 -7.97
C LYS A 26 -2.08 15.94 -7.55
N PRO A 27 -2.47 17.19 -7.25
CA PRO A 27 -3.80 17.45 -6.69
C PRO A 27 -4.96 16.70 -7.38
N ARG A 28 -5.05 16.78 -8.69
CA ARG A 28 -6.12 16.09 -9.41
C ARG A 28 -6.11 14.53 -9.31
N VAL A 29 -4.96 13.95 -9.06
CA VAL A 29 -4.67 12.62 -9.59
C VAL A 29 -4.14 11.66 -8.55
N ARG A 30 -4.82 10.53 -8.40
CA ARG A 30 -4.26 9.48 -7.56
C ARG A 30 -4.21 8.16 -8.30
N LEU A 31 -3.12 7.44 -8.09
CA LEU A 31 -2.90 6.14 -8.69
C LEU A 31 -3.20 5.06 -7.68
N HIS A 32 -4.01 4.11 -8.11
CA HIS A 32 -4.32 2.94 -7.35
C HIS A 32 -3.41 1.82 -7.77
N PHE A 33 -2.98 1.02 -6.78
CA PHE A 33 -2.26 -0.20 -7.06
C PHE A 33 -2.67 -1.29 -6.08
N VAL A 34 -2.32 -2.51 -6.47
CA VAL A 34 -2.43 -3.65 -5.61
C VAL A 34 -1.01 -4.10 -5.27
N GLU A 35 -0.79 -4.58 -4.06
CA GLU A 35 0.54 -4.87 -3.57
C GLU A 35 0.59 -6.26 -2.95
N LEU A 36 1.59 -7.06 -3.32
CA LEU A 36 1.81 -8.36 -2.71
C LEU A 36 3.30 -8.73 -2.69
N GLY A 37 3.77 -9.21 -1.55
CA GLY A 37 5.12 -9.75 -1.41
C GLY A 37 6.12 -8.83 -0.72
N SER A 38 7.27 -9.41 -0.38
CA SER A 38 8.42 -8.66 0.10
C SER A 38 9.62 -8.94 -0.80
N GLY A 39 10.63 -8.08 -0.69
CA GLY A 39 11.80 -8.10 -1.55
C GLY A 39 11.85 -6.89 -2.49
N PRO A 40 12.66 -6.97 -3.55
CA PRO A 40 12.81 -5.86 -4.52
C PRO A 40 11.48 -5.48 -5.17
N ALA A 41 11.29 -4.19 -5.41
CA ALA A 41 10.04 -3.66 -5.90
C ALA A 41 9.95 -3.85 -7.40
N VAL A 42 8.85 -4.49 -7.84
CA VAL A 42 8.57 -4.71 -9.25
C VAL A 42 7.23 -4.07 -9.56
N CYS A 43 7.24 -3.10 -10.47
CA CYS A 43 6.04 -2.37 -10.81
C CYS A 43 5.50 -2.85 -12.16
N LEU A 44 4.28 -3.39 -12.13
CA LEU A 44 3.64 -3.92 -13.35
C LEU A 44 2.68 -2.89 -13.97
N CYS A 45 2.84 -2.66 -15.26
CA CYS A 45 2.09 -1.61 -15.95
C CYS A 45 1.32 -2.17 -17.13
N HIS A 46 -0.02 -2.23 -16.99
CA HIS A 46 -0.86 -2.84 -18.03
C HIS A 46 -1.05 -1.96 -19.28
N GLY A 47 -1.76 -2.50 -20.26
CA GLY A 47 -2.02 -1.82 -21.54
C GLY A 47 -3.49 -1.48 -21.72
N PHE A 48 -3.89 -1.29 -22.99
CA PHE A 48 -5.28 -0.94 -23.37
C PHE A 48 -6.09 -2.15 -23.89
N PRO A 49 -7.35 -2.29 -23.45
CA PRO A 49 -8.03 -1.61 -22.37
C PRO A 49 -8.11 -2.53 -21.15
N GLU A 50 -7.12 -2.44 -20.28
CA GLU A 50 -6.94 -3.51 -19.30
C GLU A 50 -7.03 -3.01 -17.87
N SER A 51 -6.29 -3.64 -16.96
CA SER A 51 -6.46 -3.46 -15.52
C SER A 51 -5.23 -4.03 -14.82
N TRP A 52 -5.07 -3.67 -13.55
CA TRP A 52 -4.09 -4.33 -12.68
C TRP A 52 -4.31 -5.83 -12.70
N TYR A 53 -5.58 -6.19 -12.81
CA TYR A 53 -6.05 -7.58 -12.79
C TYR A 53 -5.60 -8.40 -13.99
N SER A 54 -5.16 -7.73 -15.07
CA SER A 54 -4.58 -8.43 -16.20
C SER A 54 -3.26 -9.11 -15.76
N TRP A 55 -2.68 -8.66 -14.65
CA TRP A 55 -1.49 -9.33 -14.08
C TRP A 55 -1.83 -10.39 -13.01
N ARG A 56 -3.10 -10.74 -12.89
CA ARG A 56 -3.56 -11.68 -11.85
C ARG A 56 -2.80 -13.00 -11.76
N TYR A 57 -2.25 -13.51 -12.87
CA TYR A 57 -1.44 -14.75 -12.82
C TYR A 57 0.03 -14.51 -12.52
N GLN A 58 0.49 -13.28 -12.73
CA GLN A 58 1.87 -12.96 -12.43
C GLN A 58 2.04 -12.56 -10.98
N ILE A 59 1.03 -11.90 -10.41
CA ILE A 59 1.19 -11.29 -9.10
C ILE A 59 1.58 -12.30 -8.01
N PRO A 60 0.84 -13.41 -7.89
CA PRO A 60 1.27 -14.38 -6.87
C PRO A 60 2.58 -15.09 -7.20
N ALA A 61 2.84 -15.35 -8.48
CA ALA A 61 4.08 -16.06 -8.83
C ALA A 61 5.32 -15.21 -8.55
N LEU A 62 5.26 -13.92 -8.87
CA LEU A 62 6.39 -13.03 -8.60
C LEU A 62 6.57 -12.82 -7.09
N ALA A 63 5.46 -12.61 -6.37
CA ALA A 63 5.52 -12.53 -4.91
C ALA A 63 6.17 -13.79 -4.31
N GLN A 64 5.73 -14.96 -4.75
CA GLN A 64 6.27 -16.22 -4.25
C GLN A 64 7.75 -16.40 -4.64
N ALA A 65 8.17 -15.83 -5.75
CA ALA A 65 9.57 -15.92 -6.19
C ALA A 65 10.48 -14.95 -5.45
N GLY A 66 9.92 -14.12 -4.58
CA GLY A 66 10.70 -13.27 -3.68
C GLY A 66 10.71 -11.79 -4.01
N TYR A 67 9.61 -11.29 -4.58
CA TYR A 67 9.54 -9.91 -5.03
C TYR A 67 8.33 -9.19 -4.43
N ARG A 68 8.46 -7.88 -4.26
CA ARG A 68 7.37 -7.05 -3.80
C ARG A 68 6.69 -6.43 -5.03
N VAL A 69 5.48 -6.92 -5.34
CA VAL A 69 4.81 -6.59 -6.58
C VAL A 69 3.82 -5.45 -6.38
N LEU A 70 3.96 -4.42 -7.22
CA LEU A 70 3.02 -3.31 -7.29
C LEU A 70 2.35 -3.35 -8.66
N ALA A 71 1.10 -3.80 -8.70
CA ALA A 71 0.35 -3.89 -9.94
C ALA A 71 -0.59 -2.68 -10.05
N MET A 72 -0.25 -1.77 -10.96
CA MET A 72 -0.95 -0.50 -11.14
C MET A 72 -2.28 -0.62 -11.88
N ASP A 73 -3.21 0.22 -11.46
CA ASP A 73 -4.19 0.77 -12.38
C ASP A 73 -3.54 2.01 -12.98
N MET A 74 -3.21 1.92 -14.26
CA MET A 74 -2.63 3.05 -14.96
C MET A 74 -3.63 4.18 -15.05
N LYS A 75 -3.14 5.40 -15.18
CA LYS A 75 -4.00 6.57 -15.25
C LYS A 75 -5.04 6.37 -16.34
N GLY A 76 -6.30 6.71 -16.02
CA GLY A 76 -7.44 6.43 -16.90
C GLY A 76 -8.29 5.21 -16.53
N TYR A 77 -7.78 4.36 -15.65
CA TYR A 77 -8.35 3.03 -15.42
C TYR A 77 -8.74 2.78 -13.97
N GLY A 78 -9.79 1.99 -13.80
CA GLY A 78 -10.08 1.35 -12.52
C GLY A 78 -10.32 2.34 -11.41
N GLU A 79 -9.57 2.21 -10.33
CA GLU A 79 -9.68 3.13 -9.21
C GLU A 79 -8.69 4.28 -9.33
N SER A 80 -7.85 4.31 -10.36
CA SER A 80 -6.96 5.47 -10.56
C SER A 80 -7.75 6.61 -11.18
N SER A 81 -7.33 7.84 -10.94
CA SER A 81 -8.00 8.99 -11.54
C SER A 81 -8.03 8.89 -13.06
N ALA A 82 -9.06 9.49 -13.64
CA ALA A 82 -9.30 9.51 -15.07
C ALA A 82 -9.75 10.90 -15.51
N PRO A 83 -8.86 11.90 -15.46
CA PRO A 83 -9.24 13.23 -15.93
C PRO A 83 -9.56 13.22 -17.44
N PRO A 84 -10.40 14.17 -17.91
CA PRO A 84 -10.87 14.13 -19.30
C PRO A 84 -9.90 14.68 -20.36
N GLU A 85 -8.96 15.53 -19.98
CA GLU A 85 -8.15 16.25 -21.00
C GLU A 85 -7.15 15.28 -21.64
N ILE A 86 -7.04 15.37 -22.96
CA ILE A 86 -6.19 14.48 -23.74
C ILE A 86 -4.72 14.54 -23.30
N GLU A 87 -4.27 15.76 -23.01
CA GLU A 87 -2.87 16.05 -22.68
C GLU A 87 -2.42 15.43 -21.35
N GLU A 88 -3.38 15.06 -20.51
CA GLU A 88 -3.08 14.41 -19.25
C GLU A 88 -2.50 13.01 -19.46
N TYR A 89 -2.64 12.49 -20.67
CA TYR A 89 -2.21 11.14 -20.99
C TYR A 89 -1.08 11.06 -22.03
N CYS A 90 -0.33 12.15 -22.23
CA CYS A 90 0.91 12.08 -23.03
C CYS A 90 1.97 11.36 -22.20
N MET A 91 2.97 10.79 -22.86
CA MET A 91 3.98 9.99 -22.17
C MET A 91 4.77 10.78 -21.15
N GLU A 92 5.04 12.06 -21.45
CA GLU A 92 5.81 12.91 -20.55
C GLU A 92 5.11 13.05 -19.21
N VAL A 93 3.82 13.36 -19.25
CA VAL A 93 3.04 13.54 -18.04
C VAL A 93 2.94 12.21 -17.30
N LEU A 94 2.64 11.14 -18.04
CA LEU A 94 2.45 9.83 -17.44
C LEU A 94 3.74 9.36 -16.80
N CYS A 95 4.86 9.59 -17.48
CA CYS A 95 6.15 9.25 -16.89
C CYS A 95 6.47 10.02 -15.61
N LYS A 96 6.26 11.34 -15.61
CA LYS A 96 6.53 12.15 -14.42
C LYS A 96 5.70 11.67 -13.22
N GLU A 97 4.45 11.32 -13.47
CA GLU A 97 3.56 10.86 -12.42
C GLU A 97 4.04 9.58 -11.78
N MET A 98 4.58 8.68 -12.61
CA MET A 98 5.14 7.42 -12.11
C MET A 98 6.39 7.65 -11.26
N VAL A 99 7.20 8.65 -11.62
CA VAL A 99 8.38 8.99 -10.81
C VAL A 99 7.94 9.56 -9.46
N THR A 100 6.92 10.41 -9.48
CA THR A 100 6.31 10.90 -8.27
C THR A 100 5.75 9.75 -7.43
N PHE A 101 5.09 8.79 -8.08
CA PHE A 101 4.58 7.60 -7.44
C PHE A 101 5.69 6.98 -6.56
N LEU A 102 6.84 6.70 -7.17
CA LEU A 102 7.96 6.11 -6.44
C LEU A 102 8.42 6.99 -5.28
N ASP A 103 8.47 8.31 -5.49
CA ASP A 103 8.89 9.25 -4.45
C ASP A 103 7.98 9.15 -3.24
N LYS A 104 6.67 9.22 -3.44
CA LYS A 104 5.71 9.12 -2.34
C LYS A 104 5.81 7.78 -1.63
N LEU A 105 6.09 6.69 -2.36
CA LEU A 105 6.32 5.37 -1.73
C LEU A 105 7.74 5.21 -1.14
N GLY A 106 8.61 6.19 -1.38
CA GLY A 106 9.92 6.20 -0.81
C GLY A 106 10.82 5.15 -1.43
N LEU A 107 10.53 4.78 -2.67
CA LEU A 107 11.34 3.81 -3.42
C LEU A 107 12.31 4.61 -4.26
N SER A 108 13.60 4.45 -4.04
CA SER A 108 14.59 5.09 -4.91
C SER A 108 14.60 4.46 -6.32
N GLN A 109 14.27 3.16 -6.40
CA GLN A 109 14.21 2.45 -7.68
C GLN A 109 13.13 1.38 -7.69
N ALA A 110 12.75 0.96 -8.90
CA ALA A 110 11.96 -0.26 -9.06
C ALA A 110 12.24 -0.92 -10.42
N VAL A 111 11.94 -2.21 -10.49
CA VAL A 111 11.95 -2.90 -11.76
C VAL A 111 10.61 -2.58 -12.41
N PHE A 112 10.62 -2.16 -13.66
CA PHE A 112 9.38 -1.87 -14.37
C PHE A 112 9.14 -2.96 -15.41
N ILE A 113 7.94 -3.50 -15.42
CA ILE A 113 7.54 -4.50 -16.40
C ILE A 113 6.23 -4.01 -17.00
N GLY A 114 6.18 -3.91 -18.32
CA GLY A 114 5.01 -3.35 -18.98
C GLY A 114 4.52 -4.24 -20.10
N HIS A 115 3.25 -4.06 -20.46
CA HIS A 115 2.65 -4.72 -21.60
C HIS A 115 1.85 -3.71 -22.41
N ASP A 116 2.03 -3.75 -23.73
CA ASP A 116 1.25 -2.93 -24.65
C ASP A 116 1.55 -1.43 -24.38
N TRP A 117 0.54 -0.60 -24.13
CA TRP A 117 0.79 0.80 -23.82
C TRP A 117 1.67 0.96 -22.58
N GLY A 118 1.51 0.04 -21.63
CA GLY A 118 2.34 0.01 -20.43
C GLY A 118 3.79 -0.28 -20.75
N GLY A 119 4.01 -1.08 -21.79
CA GLY A 119 5.34 -1.35 -22.31
C GLY A 119 6.00 -0.10 -22.87
N MET A 120 5.23 0.69 -23.62
CA MET A 120 5.73 1.97 -24.16
C MET A 120 6.13 2.85 -22.98
N LEU A 121 5.30 2.86 -21.94
CA LEU A 121 5.56 3.63 -20.75
C LEU A 121 6.89 3.23 -20.10
N VAL A 122 7.10 1.94 -19.88
CA VAL A 122 8.30 1.53 -19.16
C VAL A 122 9.56 1.78 -19.98
N TRP A 123 9.45 1.75 -21.30
CA TRP A 123 10.58 2.07 -22.16
C TRP A 123 11.01 3.53 -22.01
N TYR A 124 10.04 4.42 -21.97
CA TYR A 124 10.33 5.83 -21.73
C TYR A 124 10.85 6.08 -20.31
N MET A 125 10.34 5.33 -19.33
CA MET A 125 10.88 5.43 -17.95
C MET A 125 12.36 5.06 -17.96
N ALA A 126 12.68 3.97 -18.65
CA ALA A 126 14.07 3.55 -18.79
C ALA A 126 14.92 4.59 -19.54
N LEU A 127 14.32 5.23 -20.53
CA LEU A 127 15.03 6.18 -21.38
C LEU A 127 15.35 7.49 -20.64
N PHE A 128 14.35 8.05 -19.95
CA PHE A 128 14.42 9.38 -19.32
C PHE A 128 14.66 9.36 -17.81
N TYR A 129 14.32 8.26 -17.13
CA TYR A 129 14.52 8.17 -15.68
C TYR A 129 15.28 6.91 -15.26
N PRO A 130 16.42 6.63 -15.94
CA PRO A 130 17.17 5.40 -15.67
C PRO A 130 17.60 5.25 -14.22
N GLU A 131 17.84 6.36 -13.52
CA GLU A 131 18.17 6.30 -12.10
C GLU A 131 17.06 5.66 -11.23
N ARG A 132 15.81 5.75 -11.67
CA ARG A 132 14.67 5.20 -10.94
C ARG A 132 14.24 3.81 -11.45
N VAL A 133 14.85 3.34 -12.53
CA VAL A 133 14.51 2.04 -13.10
C VAL A 133 15.67 1.06 -12.90
N ARG A 134 15.50 0.11 -11.97
CA ARG A 134 16.53 -0.90 -11.70
C ARG A 134 16.77 -1.78 -12.92
N ALA A 135 15.67 -2.15 -13.56
CA ALA A 135 15.70 -2.89 -14.81
C ALA A 135 14.35 -2.77 -15.45
N VAL A 136 14.25 -3.14 -16.73
CA VAL A 136 13.02 -2.91 -17.50
C VAL A 136 12.69 -4.11 -18.38
N ALA A 137 11.41 -4.49 -18.42
CA ALA A 137 10.98 -5.58 -19.28
C ALA A 137 9.72 -5.17 -20.01
N SER A 138 9.59 -5.59 -21.26
CA SER A 138 8.38 -5.33 -22.01
C SER A 138 7.83 -6.60 -22.64
N LEU A 139 6.52 -6.77 -22.47
CA LEU A 139 5.76 -7.77 -23.16
C LEU A 139 5.19 -7.11 -24.42
N ASN A 140 5.63 -7.60 -25.57
CA ASN A 140 5.10 -7.29 -26.91
C ASN A 140 5.58 -5.98 -27.52
N THR A 141 5.58 -4.91 -26.73
CA THR A 141 5.92 -3.59 -27.23
C THR A 141 7.43 -3.43 -27.36
N PRO A 142 7.91 -3.14 -28.59
CA PRO A 142 9.31 -2.89 -28.81
C PRO A 142 9.68 -1.44 -28.49
N PHE A 143 10.97 -1.18 -28.36
CA PHE A 143 11.48 0.18 -28.24
C PHE A 143 12.08 0.53 -29.60
N ILE A 144 11.48 1.51 -30.27
CA ILE A 144 12.02 2.05 -31.51
C ILE A 144 12.40 3.50 -31.23
N PRO A 145 13.70 3.85 -31.34
CA PRO A 145 14.02 5.26 -31.24
C PRO A 145 13.17 6.12 -32.19
N ALA A 146 12.75 7.28 -31.71
CA ALA A 146 11.96 8.21 -32.50
C ALA A 146 12.74 8.66 -33.74
N ASN A 147 12.03 8.86 -34.84
CA ASN A 147 12.60 9.37 -36.08
C ASN A 147 12.28 10.85 -36.22
N PRO A 148 13.31 11.73 -36.11
CA PRO A 148 13.05 13.18 -36.25
C PRO A 148 12.47 13.62 -37.61
N ASN A 149 12.59 12.78 -38.63
CA ASN A 149 12.20 13.14 -39.99
C ASN A 149 10.73 12.86 -40.33
N MET A 150 10.26 11.64 -40.08
CA MET A 150 8.85 11.33 -40.33
C MET A 150 8.00 11.45 -39.05
N SER A 151 6.94 12.25 -39.15
CA SER A 151 6.06 12.54 -38.02
C SER A 151 5.22 11.30 -37.70
N PRO A 152 4.26 11.40 -36.76
CA PRO A 152 3.49 10.18 -36.46
C PRO A 152 2.49 9.77 -37.56
N LEU A 153 1.97 10.75 -38.31
CA LEU A 153 0.91 10.51 -39.29
C LEU A 153 1.38 9.70 -40.52
N GLU A 154 2.67 9.80 -40.84
CA GLU A 154 3.23 9.07 -41.99
C GLU A 154 3.55 7.62 -41.67
N SER A 155 3.52 7.25 -40.39
CA SER A 155 3.74 5.85 -39.98
C SER A 155 2.51 4.96 -40.19
N ILE A 156 1.32 5.57 -40.17
CA ILE A 156 0.07 4.83 -40.43
C ILE A 156 -0.17 4.61 -41.93
N LYS A 157 0.16 5.61 -42.75
CA LYS A 157 0.10 5.44 -44.21
C LYS A 157 1.08 4.37 -44.69
N ALA A 158 2.19 4.21 -43.97
CA ALA A 158 3.15 3.15 -44.26
C ALA A 158 2.68 1.77 -43.78
N ASN A 159 1.73 1.71 -42.85
CA ASN A 159 1.27 0.45 -42.25
C ASN A 159 -0.24 0.45 -41.94
N PRO A 160 -1.08 0.04 -42.92
CA PRO A 160 -2.54 0.00 -42.81
C PRO A 160 -3.14 -0.67 -41.56
N VAL A 161 -2.41 -1.61 -40.93
CA VAL A 161 -2.89 -2.30 -39.73
C VAL A 161 -3.45 -1.35 -38.67
N PHE A 162 -2.84 -0.16 -38.56
CA PHE A 162 -3.26 0.85 -37.57
C PHE A 162 -4.38 1.78 -38.07
N ASP A 163 -5.31 1.26 -38.87
CA ASP A 163 -6.49 2.03 -39.22
C ASP A 163 -7.36 2.32 -38.00
N TYR A 164 -7.53 1.32 -37.14
CA TYR A 164 -8.32 1.49 -35.92
C TYR A 164 -7.80 2.67 -35.09
N GLN A 165 -6.49 2.87 -35.04
CA GLN A 165 -5.91 4.01 -34.32
C GLN A 165 -6.44 5.34 -34.82
N LEU A 166 -6.69 5.46 -36.12
CA LEU A 166 -7.29 6.66 -36.67
C LEU A 166 -8.71 6.78 -36.12
N TYR A 167 -9.40 5.66 -36.09
CA TYR A 167 -10.75 5.59 -35.54
C TYR A 167 -10.80 6.06 -34.09
N PHE A 168 -9.73 5.78 -33.34
CA PHE A 168 -9.64 6.16 -31.92
C PHE A 168 -9.33 7.65 -31.67
N GLN A 169 -9.03 8.41 -32.72
CA GLN A 169 -8.60 9.81 -32.57
C GLN A 169 -9.69 10.80 -32.16
N GLU A 170 -10.83 10.80 -32.84
CA GLU A 170 -11.90 11.78 -32.56
C GLU A 170 -12.59 11.52 -31.20
N PRO A 171 -12.42 12.43 -30.23
CA PRO A 171 -13.04 12.17 -28.93
C PRO A 171 -14.55 11.95 -29.01
N GLY A 172 -15.05 10.95 -28.28
CA GLY A 172 -16.46 10.63 -28.25
C GLY A 172 -16.84 9.43 -29.11
N VAL A 173 -16.22 9.30 -30.28
CA VAL A 173 -16.63 8.30 -31.26
C VAL A 173 -16.38 6.89 -30.76
N ALA A 174 -15.11 6.50 -30.60
CA ALA A 174 -14.79 5.15 -30.14
C ALA A 174 -15.36 4.86 -28.75
N GLU A 175 -15.43 5.88 -27.90
CA GLU A 175 -15.98 5.76 -26.55
C GLU A 175 -17.39 5.17 -26.54
N ALA A 176 -18.24 5.68 -27.41
CA ALA A 176 -19.64 5.31 -27.42
C ALA A 176 -19.82 3.86 -27.85
N GLU A 177 -19.06 3.43 -28.85
CA GLU A 177 -19.09 2.03 -29.28
C GLU A 177 -18.60 1.08 -28.20
N LEU A 178 -17.47 1.42 -27.57
CA LEU A 178 -16.86 0.56 -26.57
C LEU A 178 -17.68 0.48 -25.28
N GLU A 179 -18.32 1.59 -24.91
CA GLU A 179 -19.14 1.65 -23.68
C GLU A 179 -20.55 1.11 -23.90
N GLN A 180 -20.99 1.04 -25.14
CA GLN A 180 -22.36 0.69 -25.44
C GLN A 180 -22.80 -0.62 -24.77
N ASN A 181 -21.93 -1.62 -24.83
CA ASN A 181 -22.18 -2.93 -24.23
C ASN A 181 -20.82 -3.47 -23.79
N LEU A 182 -20.49 -3.26 -22.51
CA LEU A 182 -19.17 -3.57 -21.99
C LEU A 182 -18.84 -5.05 -22.03
N SER A 183 -19.81 -5.89 -21.69
CA SER A 183 -19.64 -7.34 -21.74
C SER A 183 -19.24 -7.81 -23.15
N ARG A 184 -20.00 -7.36 -24.14
CA ARG A 184 -19.67 -7.64 -25.54
C ARG A 184 -18.27 -7.10 -25.92
N THR A 185 -17.91 -5.92 -25.42
CA THR A 185 -16.60 -5.34 -25.73
C THR A 185 -15.46 -6.25 -25.29
N PHE A 186 -15.51 -6.70 -24.04
CA PHE A 186 -14.42 -7.48 -23.48
C PHE A 186 -14.39 -8.93 -23.97
N LYS A 187 -15.57 -9.49 -24.22
CA LYS A 187 -15.64 -10.81 -24.84
C LYS A 187 -15.14 -10.78 -26.28
N SER A 188 -15.36 -9.67 -26.98
CA SER A 188 -14.87 -9.50 -28.35
C SER A 188 -13.35 -9.29 -28.42
N LEU A 189 -12.79 -8.59 -27.44
CA LEU A 189 -11.36 -8.27 -27.43
C LEU A 189 -10.50 -9.37 -26.85
N PHE A 190 -10.88 -9.87 -25.67
CA PHE A 190 -10.06 -10.82 -24.94
C PHE A 190 -10.21 -12.23 -25.46
N ARG A 191 -9.55 -12.51 -26.58
CA ARG A 191 -9.60 -13.82 -27.22
C ARG A 191 -8.21 -14.30 -27.64
N ALA A 192 -8.03 -15.62 -27.70
CA ALA A 192 -6.82 -16.19 -28.30
C ALA A 192 -6.84 -15.85 -29.78
N SER A 193 -5.66 -15.78 -30.39
CA SER A 193 -5.58 -15.24 -31.74
C SER A 193 -6.38 -16.08 -32.74
N ASP A 194 -6.47 -17.39 -32.55
CA ASP A 194 -7.29 -18.27 -33.41
C ASP A 194 -8.80 -18.13 -33.18
N GLU A 195 -9.20 -17.51 -32.06
CA GLU A 195 -10.62 -17.26 -31.78
C GLU A 195 -11.03 -15.84 -32.18
N SER A 196 -10.17 -15.10 -32.86
CA SER A 196 -10.45 -13.69 -33.19
C SER A 196 -11.76 -13.50 -33.95
N VAL A 197 -12.48 -12.43 -33.61
CA VAL A 197 -13.71 -12.06 -34.33
C VAL A 197 -13.66 -10.63 -34.85
N LEU A 198 -12.45 -10.05 -34.91
CA LEU A 198 -12.26 -8.65 -35.28
C LEU A 198 -11.23 -8.47 -36.38
N SER A 199 -11.31 -7.35 -37.09
CA SER A 199 -10.42 -7.04 -38.19
C SER A 199 -9.98 -5.57 -38.12
N MET A 200 -8.96 -5.31 -37.32
CA MET A 200 -8.32 -3.99 -37.28
C MET A 200 -7.66 -3.67 -38.62
N HIS A 201 -8.47 -3.31 -39.62
CA HIS A 201 -7.99 -3.05 -40.99
C HIS A 201 -8.82 -2.05 -41.80
N LYS A 202 -10.15 -2.16 -41.77
CA LYS A 202 -11.02 -1.16 -42.42
C LYS A 202 -12.10 -0.69 -41.45
N VAL A 203 -11.65 -0.12 -40.33
CA VAL A 203 -12.53 0.27 -39.22
C VAL A 203 -13.25 1.58 -39.50
N CYS A 204 -12.53 2.57 -39.99
CA CYS A 204 -13.09 3.91 -40.23
C CYS A 204 -14.16 3.88 -41.32
N GLU A 205 -13.91 3.13 -42.37
CA GLU A 205 -14.88 2.97 -43.46
C GLU A 205 -16.10 2.18 -43.00
N ALA A 206 -15.87 1.12 -42.25
CA ALA A 206 -16.94 0.28 -41.72
C ALA A 206 -17.82 1.01 -40.69
N GLY A 207 -17.26 2.04 -40.07
CA GLY A 207 -17.99 2.81 -39.06
C GLY A 207 -17.99 2.18 -37.68
N GLY A 208 -16.92 1.46 -37.35
CA GLY A 208 -16.79 0.85 -36.03
C GLY A 208 -16.02 -0.45 -35.95
N LEU A 209 -15.48 -0.71 -34.76
CA LEU A 209 -14.71 -1.92 -34.49
C LEU A 209 -15.56 -3.19 -34.49
N PHE A 210 -16.81 -3.07 -34.04
CA PHE A 210 -17.71 -4.22 -33.92
C PHE A 210 -18.88 -4.13 -34.90
N VAL A 211 -18.70 -3.42 -36.01
CA VAL A 211 -19.79 -3.19 -36.98
C VAL A 211 -20.41 -4.50 -37.47
N ASN A 212 -19.59 -5.53 -37.64
CA ASN A 212 -20.08 -6.82 -38.12
C ASN A 212 -19.40 -8.02 -37.46
N SER A 213 -19.06 -7.88 -36.18
CA SER A 213 -18.64 -9.00 -35.35
C SER A 213 -19.86 -9.46 -34.53
N PRO A 214 -19.84 -10.68 -33.97
CA PRO A 214 -21.07 -11.19 -33.37
C PRO A 214 -21.68 -10.29 -32.29
N GLU A 215 -23.00 -10.26 -32.21
CA GLU A 215 -23.70 -9.48 -31.18
C GLU A 215 -23.51 -10.10 -29.81
N GLU A 216 -23.51 -11.44 -29.77
CA GLU A 216 -23.28 -12.19 -28.56
C GLU A 216 -22.06 -13.09 -28.69
N PRO A 217 -20.86 -12.51 -28.56
CA PRO A 217 -19.68 -13.35 -28.68
C PRO A 217 -19.63 -14.44 -27.61
N SER A 218 -19.10 -15.59 -27.99
CA SER A 218 -18.86 -16.65 -27.05
C SER A 218 -17.69 -16.26 -26.17
N LEU A 219 -17.57 -16.96 -25.05
CA LEU A 219 -16.50 -16.77 -24.11
C LEU A 219 -15.25 -17.44 -24.67
N SER A 220 -14.14 -16.70 -24.74
CA SER A 220 -12.85 -17.27 -25.13
C SER A 220 -12.39 -18.28 -24.10
N ARG A 221 -11.65 -19.30 -24.53
CA ARG A 221 -11.06 -20.24 -23.60
C ARG A 221 -10.00 -19.61 -22.68
N MET A 222 -9.57 -18.37 -22.93
CA MET A 222 -8.62 -17.68 -22.06
C MET A 222 -9.25 -17.17 -20.76
N VAL A 223 -10.55 -16.89 -20.78
CA VAL A 223 -11.22 -16.16 -19.70
C VAL A 223 -12.54 -16.77 -19.26
N THR A 224 -12.88 -16.57 -17.99
CA THR A 224 -14.18 -16.99 -17.46
C THR A 224 -15.15 -15.82 -17.48
N GLU A 225 -16.42 -16.14 -17.28
CA GLU A 225 -17.48 -15.13 -17.19
C GLU A 225 -17.20 -14.20 -16.03
N GLU A 226 -16.68 -14.75 -14.93
CA GLU A 226 -16.39 -13.97 -13.72
C GLU A 226 -15.30 -12.91 -13.99
N GLU A 227 -14.27 -13.32 -14.74
CA GLU A 227 -13.19 -12.42 -15.08
C GLU A 227 -13.64 -11.31 -16.04
N ILE A 228 -14.43 -11.65 -17.05
CA ILE A 228 -15.03 -10.62 -17.91
C ILE A 228 -15.82 -9.60 -17.08
N GLN A 229 -16.66 -10.09 -16.18
CA GLN A 229 -17.48 -9.19 -15.36
C GLN A 229 -16.67 -8.24 -14.47
N PHE A 230 -15.49 -8.68 -14.02
CA PHE A 230 -14.61 -7.78 -13.28
C PHE A 230 -14.21 -6.58 -14.13
N TYR A 231 -13.77 -6.83 -15.37
CA TYR A 231 -13.40 -5.76 -16.27
C TYR A 231 -14.59 -4.86 -16.53
N VAL A 232 -15.77 -5.46 -16.67
CA VAL A 232 -17.00 -4.72 -16.95
C VAL A 232 -17.27 -3.77 -15.80
N GLN A 233 -17.24 -4.31 -14.59
CA GLN A 233 -17.39 -3.54 -13.35
C GLN A 233 -16.38 -2.38 -13.27
N GLN A 234 -15.13 -2.63 -13.65
CA GLN A 234 -14.07 -1.62 -13.57
C GLN A 234 -14.26 -0.45 -14.54
N PHE A 235 -14.69 -0.75 -15.76
CA PHE A 235 -14.85 0.29 -16.79
C PHE A 235 -16.15 1.12 -16.65
N LYS A 236 -17.10 0.65 -15.84
CA LYS A 236 -18.27 1.46 -15.49
C LYS A 236 -17.90 2.70 -14.67
N LYS A 237 -16.73 2.70 -14.04
CA LYS A 237 -16.32 3.80 -13.17
C LYS A 237 -15.95 5.07 -13.94
N SER A 238 -15.10 4.96 -14.95
CA SER A 238 -14.71 6.12 -15.76
C SER A 238 -14.85 5.95 -17.27
N GLY A 239 -15.07 4.74 -17.74
CA GLY A 239 -15.30 4.51 -19.16
C GLY A 239 -14.03 4.48 -19.97
N PHE A 240 -14.17 4.83 -21.26
CA PHE A 240 -13.11 4.63 -22.22
C PHE A 240 -12.41 5.91 -22.66
N ARG A 241 -12.83 7.06 -22.14
CA ARG A 241 -12.21 8.33 -22.53
C ARG A 241 -10.75 8.41 -22.09
N GLY A 242 -10.49 8.20 -20.81
CA GLY A 242 -9.13 8.23 -20.30
C GLY A 242 -8.24 7.25 -21.06
N PRO A 243 -8.67 5.96 -21.13
CA PRO A 243 -7.92 4.94 -21.82
C PRO A 243 -7.64 5.23 -23.29
N LEU A 244 -8.65 5.72 -24.01
CA LEU A 244 -8.46 6.10 -25.42
C LEU A 244 -7.58 7.34 -25.59
N ASN A 245 -7.55 8.24 -24.60
CA ASN A 245 -6.62 9.37 -24.63
C ASN A 245 -5.14 8.99 -24.72
N TRP A 246 -4.79 7.78 -24.28
CA TRP A 246 -3.43 7.27 -24.51
C TRP A 246 -3.02 7.23 -26.00
N TYR A 247 -3.98 7.12 -26.91
CA TYR A 247 -3.74 7.13 -28.36
C TYR A 247 -3.69 8.52 -29.01
N ARG A 248 -4.10 9.55 -28.27
CA ARG A 248 -4.40 10.85 -28.86
C ARG A 248 -3.31 11.88 -28.58
N ASN A 249 -2.10 11.41 -28.32
CA ASN A 249 -0.96 12.31 -28.13
C ASN A 249 0.24 11.88 -28.97
N MET A 250 0.02 11.41 -30.19
CA MET A 250 1.12 10.85 -30.97
C MET A 250 2.18 11.92 -31.30
N GLU A 251 1.72 13.11 -31.68
CA GLU A 251 2.61 14.24 -32.00
C GLU A 251 3.41 14.71 -30.78
N ARG A 252 2.71 14.83 -29.64
CA ARG A 252 3.36 15.24 -28.39
C ARG A 252 4.37 14.17 -27.91
N ASN A 253 4.07 12.90 -28.13
CA ASN A 253 4.98 11.82 -27.73
C ASN A 253 6.22 11.79 -28.60
N TRP A 254 6.01 11.99 -29.91
CA TRP A 254 7.08 12.09 -30.88
C TRP A 254 8.03 13.26 -30.54
N LYS A 255 7.48 14.44 -30.33
CA LYS A 255 8.31 15.62 -29.98
C LYS A 255 9.18 15.35 -28.77
N TRP A 256 8.61 14.70 -27.78
CA TRP A 256 9.27 14.44 -26.52
C TRP A 256 10.33 13.35 -26.68
N ALA A 257 9.97 12.26 -27.34
CA ALA A 257 10.92 11.19 -27.67
C ALA A 257 12.13 11.71 -28.45
N CYS A 258 11.91 12.70 -29.32
CA CYS A 258 12.98 13.28 -30.11
C CYS A 258 14.05 14.02 -29.31
N LYS A 259 13.73 14.43 -28.08
CA LYS A 259 14.69 15.13 -27.22
C LYS A 259 15.86 14.25 -26.71
N SER A 260 15.66 12.95 -26.65
CA SER A 260 16.67 12.04 -26.10
C SER A 260 17.24 11.13 -27.18
N LEU A 261 17.57 11.71 -28.34
CA LEU A 261 18.01 10.93 -29.49
C LEU A 261 19.31 10.19 -29.19
N GLY A 262 20.33 10.95 -28.84
CA GLY A 262 21.66 10.39 -28.60
C GLY A 262 21.73 9.30 -27.54
N ARG A 263 20.93 9.42 -26.49
CA ARG A 263 21.12 8.58 -25.31
C ARG A 263 20.49 7.19 -25.47
N LYS A 264 21.13 6.21 -24.84
CA LYS A 264 20.77 4.83 -24.97
C LYS A 264 20.47 4.20 -23.61
N ILE A 265 19.67 3.14 -23.63
CA ILE A 265 19.29 2.39 -22.44
C ILE A 265 20.45 1.49 -22.02
N LEU A 266 21.04 1.76 -20.85
CA LEU A 266 22.19 1.01 -20.34
C LEU A 266 21.86 0.09 -19.14
N ILE A 267 20.62 0.12 -18.67
CA ILE A 267 20.18 -0.75 -17.56
C ILE A 267 19.79 -2.14 -18.08
N PRO A 268 19.73 -3.15 -17.20
CA PRO A 268 19.26 -4.46 -17.64
C PRO A 268 17.85 -4.39 -18.27
N ALA A 269 17.68 -5.09 -19.39
CA ALA A 269 16.50 -4.96 -20.23
C ALA A 269 16.04 -6.31 -20.76
N LEU A 270 14.72 -6.49 -20.84
CA LEU A 270 14.11 -7.72 -21.36
C LEU A 270 13.02 -7.37 -22.39
N MET A 271 13.09 -7.98 -23.56
CA MET A 271 12.03 -7.87 -24.59
C MET A 271 11.45 -9.26 -24.85
N VAL A 272 10.15 -9.38 -24.62
CA VAL A 272 9.42 -10.62 -24.80
C VAL A 272 8.46 -10.46 -25.95
N THR A 273 8.56 -11.34 -26.91
CA THR A 273 7.72 -11.28 -28.09
C THR A 273 6.67 -12.39 -28.01
N ALA A 274 5.51 -12.14 -28.61
CA ALA A 274 4.46 -13.14 -28.69
C ALA A 274 4.20 -13.47 -30.16
N GLU A 275 4.30 -14.74 -30.51
CA GLU A 275 4.21 -15.18 -31.90
C GLU A 275 3.00 -14.64 -32.66
N LYS A 276 1.80 -14.70 -32.06
CA LYS A 276 0.57 -14.40 -32.80
C LYS A 276 -0.07 -13.03 -32.47
N ASP A 277 0.70 -12.11 -31.93
CA ASP A 277 0.21 -10.75 -31.73
C ASP A 277 0.22 -10.04 -33.07
N PHE A 278 -0.96 -9.73 -33.60
CA PHE A 278 -1.03 -9.17 -34.95
C PHE A 278 -0.93 -7.63 -35.02
N VAL A 279 -0.87 -6.96 -33.88
CA VAL A 279 -0.52 -5.54 -33.92
C VAL A 279 0.94 -5.32 -33.52
N LEU A 280 1.37 -5.86 -32.39
CA LEU A 280 2.76 -5.74 -31.97
C LEU A 280 3.52 -7.01 -32.36
N VAL A 281 3.93 -7.02 -33.62
CA VAL A 281 4.46 -8.22 -34.26
C VAL A 281 5.89 -8.41 -33.78
N PRO A 282 6.33 -9.67 -33.61
CA PRO A 282 7.69 -9.89 -33.11
C PRO A 282 8.77 -9.16 -33.89
N GLN A 283 8.73 -9.20 -35.22
CA GLN A 283 9.76 -8.56 -36.05
C GLN A 283 9.92 -7.05 -35.86
N MET A 284 8.88 -6.35 -35.37
CA MET A 284 9.01 -4.93 -34.99
C MET A 284 10.15 -4.68 -33.97
N SER A 285 10.50 -5.69 -33.19
CA SER A 285 11.54 -5.58 -32.17
C SER A 285 12.96 -5.93 -32.65
N GLN A 286 13.11 -6.40 -33.89
CA GLN A 286 14.31 -7.13 -34.34
C GLN A 286 15.66 -6.41 -34.26
N HIS A 287 15.65 -5.09 -34.38
CA HIS A 287 16.91 -4.32 -34.35
C HIS A 287 17.14 -3.58 -33.04
N MET A 288 16.47 -4.03 -31.99
CA MET A 288 16.66 -3.45 -30.67
C MET A 288 18.06 -3.75 -30.12
N GLU A 289 18.73 -4.76 -30.65
CA GLU A 289 20.15 -4.99 -30.32
C GLU A 289 20.99 -3.76 -30.63
N ASP A 290 20.73 -3.13 -31.79
CA ASP A 290 21.50 -1.96 -32.26
C ASP A 290 21.57 -0.80 -31.26
N TRP A 291 20.59 -0.71 -30.35
CA TRP A 291 20.63 0.29 -29.26
C TRP A 291 20.55 -0.30 -27.85
N ILE A 292 20.53 -1.63 -27.74
CA ILE A 292 20.58 -2.35 -26.46
C ILE A 292 21.29 -3.72 -26.68
N PRO A 293 22.65 -3.73 -26.78
CA PRO A 293 23.41 -4.96 -27.06
C PRO A 293 23.33 -6.03 -25.96
N HIS A 294 23.01 -5.60 -24.74
CA HIS A 294 22.90 -6.49 -23.59
C HIS A 294 21.46 -6.99 -23.39
N LEU A 295 20.53 -6.45 -24.18
CA LEU A 295 19.14 -6.89 -24.16
C LEU A 295 19.05 -8.40 -24.09
N LYS A 296 18.23 -8.89 -23.16
CA LYS A 296 17.88 -10.30 -23.08
C LYS A 296 16.53 -10.46 -23.73
N ARG A 297 16.30 -11.64 -24.31
CA ARG A 297 15.08 -11.92 -25.03
C ARG A 297 14.31 -13.11 -24.48
N GLY A 298 13.00 -13.04 -24.65
CA GLY A 298 12.14 -14.20 -24.58
C GLY A 298 11.23 -14.18 -25.79
N HIS A 299 10.61 -15.31 -26.06
CA HIS A 299 9.65 -15.40 -27.15
C HIS A 299 8.64 -16.45 -26.77
N ILE A 300 7.35 -16.15 -26.92
CA ILE A 300 6.33 -17.12 -26.59
C ILE A 300 5.59 -17.53 -27.87
N GLU A 301 5.54 -18.83 -28.08
CA GLU A 301 4.83 -19.39 -29.23
C GLU A 301 3.34 -19.52 -28.94
N ASP A 302 2.55 -19.53 -30.00
CA ASP A 302 1.12 -19.79 -29.93
C ASP A 302 0.40 -18.77 -29.04
N CYS A 303 0.98 -17.58 -28.92
CA CYS A 303 0.53 -16.57 -27.97
C CYS A 303 0.11 -15.28 -28.68
N GLY A 304 -1.12 -14.84 -28.44
CA GLY A 304 -1.65 -13.67 -29.13
C GLY A 304 -1.30 -12.39 -28.39
N HIS A 305 -2.13 -11.38 -28.56
CA HIS A 305 -1.84 -10.10 -27.94
C HIS A 305 -1.99 -10.07 -26.40
N TRP A 306 -2.94 -10.85 -25.87
CA TRP A 306 -3.28 -10.79 -24.44
C TRP A 306 -2.37 -11.72 -23.65
N THR A 307 -1.09 -11.40 -23.69
CA THR A 307 0.01 -12.30 -23.32
C THR A 307 -0.12 -12.95 -21.94
N GLN A 308 -0.41 -12.13 -20.94
CA GLN A 308 -0.53 -12.56 -19.54
C GLN A 308 -1.63 -13.59 -19.33
N MET A 309 -2.73 -13.42 -20.05
CA MET A 309 -3.92 -14.27 -19.98
C MET A 309 -3.76 -15.53 -20.82
N ASP A 310 -3.13 -15.34 -21.97
CA ASP A 310 -2.96 -16.37 -22.98
C ASP A 310 -1.93 -17.42 -22.51
N LYS A 311 -0.74 -16.97 -22.10
CA LYS A 311 0.32 -17.92 -21.71
C LYS A 311 0.96 -17.56 -20.35
N PRO A 312 0.14 -17.53 -19.29
CA PRO A 312 0.63 -17.11 -17.96
C PRO A 312 1.88 -17.86 -17.45
N THR A 313 1.91 -19.16 -17.68
CA THR A 313 3.01 -20.00 -17.22
C THR A 313 4.32 -19.64 -17.92
N GLU A 314 4.24 -19.46 -19.23
CA GLU A 314 5.44 -19.10 -19.98
C GLU A 314 5.91 -17.72 -19.54
N VAL A 315 4.96 -16.79 -19.41
CA VAL A 315 5.24 -15.44 -18.93
C VAL A 315 5.94 -15.51 -17.57
N ASN A 316 5.34 -16.23 -16.64
CA ASN A 316 5.90 -16.37 -15.28
C ASN A 316 7.35 -16.88 -15.31
N GLN A 317 7.58 -17.98 -16.04
CA GLN A 317 8.93 -18.59 -16.15
C GLN A 317 9.96 -17.61 -16.70
N ILE A 318 9.59 -16.90 -17.77
CA ILE A 318 10.50 -15.96 -18.41
C ILE A 318 10.83 -14.79 -17.48
N LEU A 319 9.81 -14.18 -16.86
CA LEU A 319 10.07 -13.04 -15.96
C LEU A 319 10.85 -13.44 -14.73
N ILE A 320 10.51 -14.57 -14.13
CA ILE A 320 11.16 -14.99 -12.89
C ILE A 320 12.63 -15.32 -13.13
N LYS A 321 12.92 -16.04 -14.21
CA LYS A 321 14.30 -16.33 -14.60
C LYS A 321 15.13 -15.05 -14.85
N TRP A 322 14.53 -14.08 -15.52
CA TRP A 322 15.23 -12.84 -15.83
C TRP A 322 15.46 -11.98 -14.57
N LEU A 323 14.45 -11.89 -13.70
CA LEU A 323 14.61 -11.14 -12.43
C LEU A 323 15.69 -11.75 -11.54
N ASP A 324 15.76 -13.06 -11.48
CA ASP A 324 16.68 -13.76 -10.60
C ASP A 324 18.14 -13.73 -11.09
N SER A 325 18.35 -13.37 -12.37
CA SER A 325 19.70 -13.34 -12.94
C SER A 325 20.24 -11.91 -13.08
N ASP A 326 19.68 -11.14 -14.01
CA ASP A 326 20.09 -9.73 -14.21
C ASP A 326 18.93 -8.77 -13.98
N THR B 11 11.74 16.54 11.04
CA THR B 11 11.25 16.01 9.73
C THR B 11 10.09 15.02 9.92
N SER B 12 8.94 15.37 9.35
CA SER B 12 7.67 14.70 9.63
C SER B 12 7.03 14.12 8.35
N CYS B 13 5.72 13.84 8.39
CA CYS B 13 4.95 13.32 7.27
C CYS B 13 3.79 14.24 6.98
N ASN B 14 3.53 14.49 5.71
CA ASN B 14 2.28 15.13 5.27
C ASN B 14 1.35 14.05 4.71
N PRO B 15 0.17 13.83 5.34
CA PRO B 15 -0.78 12.78 4.95
C PRO B 15 -1.06 12.67 3.46
N SER B 16 -1.26 13.80 2.78
CA SER B 16 -1.53 13.80 1.35
C SER B 16 -0.30 13.39 0.53
N ASP B 17 0.88 13.38 1.17
CA ASP B 17 2.11 12.91 0.54
C ASP B 17 2.45 11.44 0.83
N MET B 18 1.59 10.74 1.56
CA MET B 18 1.86 9.34 1.92
C MET B 18 1.10 8.37 1.02
N SER B 19 1.66 7.18 0.82
CA SER B 19 0.93 6.08 0.19
C SER B 19 -0.01 5.49 1.23
N HIS B 20 -1.29 5.40 0.90
CA HIS B 20 -2.26 4.85 1.84
C HIS B 20 -2.68 3.50 1.40
N GLY B 21 -2.59 2.53 2.33
CA GLY B 21 -2.89 1.14 2.04
C GLY B 21 -4.10 0.69 2.81
N TYR B 22 -4.82 -0.29 2.27
CA TYR B 22 -6.07 -0.79 2.87
C TYR B 22 -6.17 -2.28 2.65
N VAL B 23 -6.40 -3.02 3.73
CA VAL B 23 -6.53 -4.45 3.71
C VAL B 23 -7.79 -4.84 4.49
N THR B 24 -8.73 -5.48 3.80
CA THR B 24 -9.90 -6.07 4.44
C THR B 24 -9.49 -7.38 5.10
N VAL B 25 -9.56 -7.44 6.43
CA VAL B 25 -9.15 -8.67 7.16
C VAL B 25 -10.31 -9.64 7.44
N LYS B 26 -11.53 -9.14 7.32
CA LYS B 26 -12.75 -9.96 7.39
C LYS B 26 -13.89 -9.08 6.88
N PRO B 27 -15.05 -9.68 6.54
CA PRO B 27 -16.15 -8.90 5.97
C PRO B 27 -16.37 -7.49 6.56
N ARG B 28 -16.45 -7.37 7.88
CA ARG B 28 -16.76 -6.08 8.52
C ARG B 28 -15.56 -5.14 8.73
N VAL B 29 -14.33 -5.59 8.46
CA VAL B 29 -13.14 -4.91 9.00
C VAL B 29 -12.01 -4.75 8.01
N ARG B 30 -11.63 -3.49 7.74
CA ARG B 30 -10.41 -3.24 7.00
C ARG B 30 -9.43 -2.34 7.75
N LEU B 31 -8.16 -2.71 7.67
CA LEU B 31 -7.12 -1.96 8.32
C LEU B 31 -6.44 -1.05 7.33
N HIS B 32 -6.37 0.22 7.73
CA HIS B 32 -5.67 1.24 6.99
C HIS B 32 -4.23 1.34 7.47
N PHE B 33 -3.32 1.59 6.54
CA PHE B 33 -1.94 1.91 6.90
C PHE B 33 -1.29 2.90 5.94
N VAL B 34 -0.21 3.52 6.41
CA VAL B 34 0.65 4.35 5.60
C VAL B 34 1.95 3.57 5.38
N GLU B 35 2.53 3.68 4.18
CA GLU B 35 3.64 2.85 3.76
C GLU B 35 4.76 3.68 3.13
N LEU B 36 5.99 3.54 3.63
CA LEU B 36 7.12 4.29 3.11
C LEU B 36 8.41 3.48 3.17
N GLY B 37 9.15 3.49 2.06
CA GLY B 37 10.47 2.87 1.99
C GLY B 37 10.51 1.46 1.44
N SER B 38 11.73 0.93 1.37
CA SER B 38 12.00 -0.42 0.88
C SER B 38 12.94 -1.17 1.83
N GLY B 39 12.99 -2.50 1.70
CA GLY B 39 13.79 -3.35 2.60
C GLY B 39 12.89 -4.10 3.58
N PRO B 40 13.48 -4.64 4.67
CA PRO B 40 12.72 -5.44 5.64
C PRO B 40 11.49 -4.70 6.13
N ALA B 41 10.37 -5.40 6.26
CA ALA B 41 9.10 -4.80 6.69
C ALA B 41 9.07 -4.50 8.19
N VAL B 42 8.66 -3.28 8.57
CA VAL B 42 8.57 -2.90 9.98
C VAL B 42 7.19 -2.33 10.23
N CYS B 43 6.41 -3.02 11.07
CA CYS B 43 5.03 -2.64 11.34
C CYS B 43 4.94 -1.85 12.66
N LEU B 44 4.44 -0.61 12.57
CA LEU B 44 4.41 0.31 13.70
C LEU B 44 2.97 0.41 14.23
N CYS B 45 2.80 0.15 15.52
CA CYS B 45 1.48 0.03 16.14
C CYS B 45 1.37 1.01 17.29
N HIS B 46 0.58 2.07 17.07
CA HIS B 46 0.38 3.15 18.04
C HIS B 46 -0.49 2.71 19.22
N GLY B 47 -0.72 3.63 20.16
CA GLY B 47 -1.51 3.37 21.36
C GLY B 47 -2.78 4.18 21.44
N PHE B 48 -3.28 4.37 22.67
CA PHE B 48 -4.50 5.12 22.92
C PHE B 48 -4.22 6.56 23.41
N PRO B 49 -4.97 7.55 22.89
CA PRO B 49 -5.82 7.53 21.73
C PRO B 49 -5.09 8.23 20.59
N GLU B 50 -4.38 7.46 19.79
CA GLU B 50 -3.47 8.01 18.81
C GLU B 50 -3.85 7.67 17.37
N SER B 51 -2.85 7.44 16.53
CA SER B 51 -3.02 7.40 15.08
C SER B 51 -1.71 6.92 14.47
N TRP B 52 -1.75 6.40 13.26
CA TRP B 52 -0.52 6.15 12.51
C TRP B 52 0.37 7.39 12.58
N TYR B 53 -0.28 8.55 12.60
CA TYR B 53 0.39 9.85 12.59
C TYR B 53 1.31 10.09 13.78
N SER B 54 1.07 9.39 14.89
CA SER B 54 1.95 9.47 16.05
C SER B 54 3.35 8.98 15.77
N TRP B 55 3.52 8.21 14.71
CA TRP B 55 4.83 7.80 14.24
C TRP B 55 5.43 8.75 13.19
N ARG B 56 4.78 9.89 12.95
CA ARG B 56 5.24 10.85 11.93
C ARG B 56 6.76 11.17 11.88
N TYR B 57 7.44 11.19 13.02
CA TYR B 57 8.88 11.41 13.02
C TYR B 57 9.72 10.13 12.84
N GLN B 58 9.13 8.96 13.09
CA GLN B 58 9.86 7.69 12.91
C GLN B 58 9.77 7.17 11.48
N ILE B 59 8.67 7.47 10.79
CA ILE B 59 8.42 6.88 9.49
C ILE B 59 9.51 7.23 8.48
N PRO B 60 9.80 8.53 8.30
CA PRO B 60 10.85 8.85 7.33
C PRO B 60 12.25 8.43 7.78
N ALA B 61 12.51 8.45 9.07
CA ALA B 61 13.84 8.09 9.57
C ALA B 61 14.11 6.59 9.35
N LEU B 62 13.12 5.75 9.65
CA LEU B 62 13.27 4.31 9.43
C LEU B 62 13.36 3.96 7.95
N ALA B 63 12.50 4.59 7.14
CA ALA B 63 12.56 4.40 5.70
C ALA B 63 13.94 4.81 5.18
N GLN B 64 14.41 6.00 5.53
CA GLN B 64 15.76 6.44 5.15
C GLN B 64 16.86 5.48 5.64
N ALA B 65 16.64 4.83 6.78
CA ALA B 65 17.58 3.84 7.30
C ALA B 65 17.50 2.47 6.60
N GLY B 66 16.68 2.33 5.56
CA GLY B 66 16.65 1.13 4.75
C GLY B 66 15.55 0.13 5.12
N TYR B 67 14.39 0.63 5.55
CA TYR B 67 13.30 -0.26 5.91
C TYR B 67 11.99 0.15 5.24
N ARG B 68 11.09 -0.83 5.13
CA ARG B 68 9.77 -0.60 4.56
C ARG B 68 8.83 -0.47 5.74
N VAL B 69 8.39 0.75 5.99
CA VAL B 69 7.63 1.04 7.19
C VAL B 69 6.14 0.96 6.87
N LEU B 70 5.41 0.17 7.65
CA LEU B 70 3.93 0.12 7.57
C LEU B 70 3.43 0.71 8.88
N ALA B 71 2.86 1.90 8.82
CA ALA B 71 2.35 2.53 10.03
C ALA B 71 0.84 2.33 10.06
N MET B 72 0.36 1.61 11.07
CA MET B 72 -1.04 1.22 11.18
C MET B 72 -1.94 2.31 11.77
N ASP B 73 -3.16 2.41 11.23
CA ASP B 73 -4.30 2.81 12.05
C ASP B 73 -4.82 1.50 12.65
N MET B 74 -4.63 1.33 13.96
CA MET B 74 -5.14 0.14 14.65
C MET B 74 -6.68 0.14 14.55
N LYS B 75 -7.24 -1.05 14.73
CA LYS B 75 -8.69 -1.23 14.70
C LYS B 75 -9.34 -0.29 15.69
N GLY B 76 -10.40 0.37 15.25
CA GLY B 76 -11.05 1.38 16.06
C GLY B 76 -10.67 2.80 15.68
N TYR B 77 -9.57 2.98 14.94
CA TYR B 77 -8.97 4.30 14.74
C TYR B 77 -8.91 4.78 13.30
N GLY B 78 -9.04 6.10 13.13
CA GLY B 78 -8.79 6.75 11.85
C GLY B 78 -9.60 6.16 10.71
N GLU B 79 -8.90 5.71 9.68
CA GLU B 79 -9.53 5.15 8.50
C GLU B 79 -9.68 3.64 8.57
N SER B 80 -9.26 3.02 9.67
CA SER B 80 -9.50 1.60 9.88
C SER B 80 -10.93 1.43 10.34
N SER B 81 -11.53 0.27 10.13
CA SER B 81 -12.88 -0.01 10.66
C SER B 81 -12.92 0.11 12.18
N ALA B 82 -14.09 0.48 12.68
CA ALA B 82 -14.31 0.61 14.11
C ALA B 82 -15.67 0.00 14.47
N PRO B 83 -15.77 -1.35 14.46
CA PRO B 83 -17.04 -1.97 14.84
C PRO B 83 -17.44 -1.62 16.28
N PRO B 84 -18.74 -1.61 16.56
CA PRO B 84 -19.20 -1.19 17.90
C PRO B 84 -18.89 -2.18 19.03
N GLU B 85 -18.96 -3.49 18.76
CA GLU B 85 -18.92 -4.51 19.81
C GLU B 85 -17.59 -4.49 20.53
N ILE B 86 -17.64 -4.69 21.85
CA ILE B 86 -16.46 -4.70 22.74
C ILE B 86 -15.52 -5.88 22.45
N GLU B 87 -16.11 -7.02 22.08
CA GLU B 87 -15.35 -8.25 21.83
C GLU B 87 -14.41 -8.14 20.62
N GLU B 88 -14.75 -7.26 19.69
CA GLU B 88 -13.90 -7.02 18.52
C GLU B 88 -12.52 -6.46 18.87
N TYR B 89 -12.37 -5.96 20.10
CA TYR B 89 -11.13 -5.33 20.55
C TYR B 89 -10.38 -6.10 21.65
N CYS B 90 -10.68 -7.37 21.85
CA CYS B 90 -9.87 -8.21 22.74
C CYS B 90 -8.59 -8.57 22.00
N MET B 91 -7.54 -8.87 22.77
CA MET B 91 -6.22 -9.12 22.18
C MET B 91 -6.21 -10.29 21.21
N GLU B 92 -6.99 -11.32 21.49
CA GLU B 92 -7.06 -12.47 20.59
C GLU B 92 -7.56 -12.12 19.17
N VAL B 93 -8.61 -11.30 19.09
CA VAL B 93 -9.19 -10.91 17.82
C VAL B 93 -8.23 -9.96 17.10
N LEU B 94 -7.69 -9.00 17.85
CA LEU B 94 -6.78 -8.02 17.32
C LEU B 94 -5.52 -8.64 16.75
N CYS B 95 -4.92 -9.58 17.48
CA CYS B 95 -3.73 -10.28 17.01
C CYS B 95 -4.00 -11.11 15.76
N LYS B 96 -5.10 -11.84 15.78
CA LYS B 96 -5.48 -12.70 14.65
C LYS B 96 -5.63 -11.85 13.40
N GLU B 97 -6.23 -10.68 13.56
CA GLU B 97 -6.41 -9.77 12.45
C GLU B 97 -5.09 -9.28 11.90
N MET B 98 -4.14 -8.97 12.79
CA MET B 98 -2.82 -8.55 12.35
C MET B 98 -2.13 -9.65 11.56
N VAL B 99 -2.37 -10.90 11.92
CA VAL B 99 -1.83 -12.04 11.19
C VAL B 99 -2.46 -12.14 9.77
N THR B 100 -3.77 -11.95 9.67
CA THR B 100 -4.46 -11.89 8.39
C THR B 100 -3.91 -10.73 7.54
N PHE B 101 -3.64 -9.60 8.20
CA PHE B 101 -3.02 -8.44 7.56
C PHE B 101 -1.73 -8.82 6.86
N LEU B 102 -0.80 -9.41 7.60
CA LEU B 102 0.45 -9.87 6.98
C LEU B 102 0.19 -10.84 5.82
N ASP B 103 -0.72 -11.78 6.04
CA ASP B 103 -1.05 -12.79 5.02
C ASP B 103 -1.45 -12.17 3.70
N LYS B 104 -2.40 -11.24 3.75
CA LYS B 104 -2.91 -10.67 2.52
C LYS B 104 -1.90 -9.75 1.84
N LEU B 105 -1.01 -9.14 2.62
CA LEU B 105 0.10 -8.36 2.06
C LEU B 105 1.20 -9.26 1.52
N GLY B 106 1.14 -10.54 1.88
CA GLY B 106 2.06 -11.53 1.37
C GLY B 106 3.38 -11.41 2.08
N LEU B 107 3.33 -11.08 3.36
CA LEU B 107 4.51 -10.98 4.20
C LEU B 107 4.54 -12.16 5.14
N SER B 108 5.60 -12.95 5.06
CA SER B 108 5.75 -14.09 5.93
C SER B 108 6.13 -13.64 7.33
N GLN B 109 6.83 -12.51 7.42
CA GLN B 109 7.29 -11.98 8.71
C GLN B 109 7.39 -10.47 8.67
N ALA B 110 7.28 -9.85 9.85
CA ALA B 110 7.57 -8.42 10.02
C ALA B 110 8.21 -8.17 11.37
N VAL B 111 9.01 -7.12 11.47
CA VAL B 111 9.43 -6.59 12.77
C VAL B 111 8.26 -5.81 13.29
N PHE B 112 7.89 -6.01 14.55
CA PHE B 112 6.77 -5.27 15.13
C PHE B 112 7.29 -4.30 16.18
N ILE B 113 6.86 -3.05 16.07
CA ILE B 113 7.23 -2.04 17.04
C ILE B 113 5.94 -1.39 17.54
N GLY B 114 5.74 -1.42 18.85
CA GLY B 114 4.51 -0.90 19.44
C GLY B 114 4.76 0.12 20.55
N HIS B 115 3.72 0.90 20.84
CA HIS B 115 3.74 1.85 21.93
C HIS B 115 2.39 1.79 22.65
N ASP B 116 2.43 1.79 23.99
CA ASP B 116 1.21 1.81 24.80
C ASP B 116 0.38 0.53 24.54
N TRP B 117 -0.92 0.64 24.26
CA TRP B 117 -1.71 -0.57 23.91
C TRP B 117 -1.09 -1.29 22.72
N GLY B 118 -0.51 -0.53 21.78
CA GLY B 118 0.19 -1.11 20.66
C GLY B 118 1.38 -1.96 21.08
N GLY B 119 2.04 -1.54 22.14
CA GLY B 119 3.14 -2.31 22.71
C GLY B 119 2.68 -3.61 23.32
N MET B 120 1.51 -3.60 23.96
CA MET B 120 0.92 -4.82 24.53
C MET B 120 0.58 -5.79 23.39
N LEU B 121 0.03 -5.25 22.30
CA LEU B 121 -0.26 -6.03 21.08
C LEU B 121 0.97 -6.74 20.55
N VAL B 122 2.07 -6.03 20.34
CA VAL B 122 3.26 -6.66 19.71
C VAL B 122 3.89 -7.74 20.61
N TRP B 123 3.80 -7.56 21.93
CA TRP B 123 4.24 -8.61 22.86
C TRP B 123 3.42 -9.89 22.67
N TYR B 124 2.10 -9.76 22.66
CA TYR B 124 1.23 -10.89 22.39
C TYR B 124 1.51 -11.53 21.02
N MET B 125 1.75 -10.70 20.00
CA MET B 125 2.10 -11.19 18.67
C MET B 125 3.36 -12.05 18.75
N ALA B 126 4.34 -11.58 19.50
CA ALA B 126 5.57 -12.35 19.69
C ALA B 126 5.32 -13.65 20.44
N LEU B 127 4.44 -13.61 21.45
CA LEU B 127 4.10 -14.79 22.26
C LEU B 127 3.32 -15.86 21.49
N PHE B 128 2.24 -15.44 20.86
CA PHE B 128 1.31 -16.35 20.18
C PHE B 128 1.63 -16.58 18.71
N TYR B 129 2.32 -15.64 18.05
CA TYR B 129 2.64 -15.79 16.63
C TYR B 129 4.12 -15.54 16.35
N PRO B 130 5.01 -16.25 17.06
CA PRO B 130 6.45 -16.04 16.86
C PRO B 130 6.90 -16.23 15.42
N GLU B 131 6.24 -17.14 14.70
CA GLU B 131 6.58 -17.42 13.32
C GLU B 131 6.39 -16.20 12.38
N ARG B 132 5.49 -15.28 12.73
CA ARG B 132 5.24 -14.09 11.91
C ARG B 132 6.02 -12.86 12.34
N VAL B 133 6.65 -12.92 13.51
CA VAL B 133 7.31 -11.75 14.10
C VAL B 133 8.82 -11.93 14.07
N ARG B 134 9.48 -11.13 13.23
CA ARG B 134 10.93 -11.21 13.04
C ARG B 134 11.70 -10.74 14.28
N ALA B 135 11.22 -9.67 14.88
CA ALA B 135 11.82 -9.06 16.06
C ALA B 135 10.73 -8.21 16.63
N VAL B 136 10.83 -7.85 17.90
CA VAL B 136 9.77 -7.11 18.55
C VAL B 136 10.36 -5.98 19.39
N ALA B 137 9.71 -4.82 19.36
CA ALA B 137 10.12 -3.71 20.19
C ALA B 137 8.91 -3.00 20.78
N SER B 138 9.00 -2.64 22.05
CA SER B 138 7.92 -1.94 22.72
C SER B 138 8.42 -0.64 23.32
N LEU B 139 7.64 0.42 23.12
CA LEU B 139 7.90 1.69 23.76
C LEU B 139 7.00 1.80 24.98
N ASN B 140 7.61 1.91 26.16
CA ASN B 140 6.95 2.13 27.44
C ASN B 140 6.27 0.88 28.02
N THR B 141 5.61 0.10 27.17
CA THR B 141 4.80 -1.03 27.65
C THR B 141 5.65 -2.25 27.93
N PRO B 142 5.71 -2.68 29.22
CA PRO B 142 6.49 -3.84 29.58
C PRO B 142 5.77 -5.15 29.25
N PHE B 143 6.53 -6.24 29.17
CA PHE B 143 5.94 -7.57 29.05
C PHE B 143 5.95 -8.20 30.42
N ILE B 144 4.77 -8.44 30.98
CA ILE B 144 4.61 -9.14 32.25
C ILE B 144 3.85 -10.43 31.98
N PRO B 145 4.45 -11.60 32.23
CA PRO B 145 3.68 -12.84 32.10
C PRO B 145 2.43 -12.79 32.96
N ALA B 146 1.33 -13.36 32.46
CA ALA B 146 0.06 -13.33 33.16
C ALA B 146 0.17 -14.10 34.45
N ASN B 147 -0.46 -13.58 35.49
CA ASN B 147 -0.57 -14.25 36.76
C ASN B 147 -1.87 -15.05 36.82
N PRO B 148 -1.78 -16.39 36.86
CA PRO B 148 -2.95 -17.26 36.95
C PRO B 148 -3.88 -17.01 38.14
N ASN B 149 -3.34 -16.48 39.24
CA ASN B 149 -4.06 -16.42 40.50
C ASN B 149 -4.75 -15.10 40.82
N MET B 150 -4.44 -14.04 40.06
CA MET B 150 -4.99 -12.71 40.35
C MET B 150 -5.85 -12.15 39.20
N SER B 151 -7.08 -11.77 39.56
CA SER B 151 -8.04 -11.17 38.63
C SER B 151 -7.52 -9.86 38.00
N PRO B 152 -8.12 -9.43 36.87
CA PRO B 152 -7.73 -8.12 36.34
C PRO B 152 -8.23 -6.94 37.17
N LEU B 153 -9.46 -7.05 37.69
CA LEU B 153 -10.06 -6.02 38.55
C LEU B 153 -9.37 -5.98 39.91
N GLU B 154 -8.87 -7.14 40.36
CA GLU B 154 -8.10 -7.26 41.60
C GLU B 154 -6.79 -6.46 41.56
N SER B 155 -6.15 -6.43 40.39
CA SER B 155 -4.88 -5.72 40.21
C SER B 155 -5.00 -4.21 40.47
N ILE B 156 -6.03 -3.59 39.90
CA ILE B 156 -6.25 -2.14 40.05
C ILE B 156 -6.43 -1.71 41.50
N LYS B 157 -6.88 -2.62 42.37
CA LYS B 157 -7.02 -2.33 43.81
C LYS B 157 -5.69 -2.31 44.58
N ALA B 158 -4.57 -2.55 43.90
CA ALA B 158 -3.25 -2.29 44.48
C ALA B 158 -2.55 -1.15 43.73
N ASN B 159 -3.32 -0.34 43.00
CA ASN B 159 -2.79 0.72 42.12
C ASN B 159 -3.82 1.83 41.86
N PRO B 160 -3.76 2.94 42.64
CA PRO B 160 -4.77 4.00 42.52
C PRO B 160 -4.65 4.91 41.29
N VAL B 161 -3.48 4.94 40.65
CA VAL B 161 -3.31 5.71 39.41
C VAL B 161 -4.13 5.12 38.26
N PHE B 162 -4.37 3.82 38.31
CA PHE B 162 -5.23 3.15 37.33
C PHE B 162 -6.73 3.33 37.61
N ASP B 163 -7.10 4.32 38.43
CA ASP B 163 -8.52 4.60 38.63
C ASP B 163 -9.22 4.93 37.32
N TYR B 164 -8.58 5.74 36.49
CA TYR B 164 -9.14 6.13 35.19
C TYR B 164 -9.62 4.92 34.38
N GLN B 165 -8.92 3.80 34.49
CA GLN B 165 -9.33 2.58 33.80
C GLN B 165 -10.72 2.09 34.21
N LEU B 166 -11.08 2.25 35.48
CA LEU B 166 -12.43 1.92 35.92
C LEU B 166 -13.44 2.86 35.26
N TYR B 167 -13.08 4.15 35.23
CA TYR B 167 -13.91 5.18 34.59
C TYR B 167 -14.13 4.88 33.10
N PHE B 168 -13.20 4.12 32.50
CA PHE B 168 -13.33 3.75 31.10
C PHE B 168 -14.27 2.55 30.84
N GLN B 169 -14.69 1.84 31.89
CA GLN B 169 -15.41 0.58 31.72
C GLN B 169 -16.85 0.70 31.20
N GLU B 170 -17.61 1.63 31.77
CA GLU B 170 -19.01 1.85 31.37
C GLU B 170 -19.09 2.47 29.97
N PRO B 171 -19.65 1.74 28.97
CA PRO B 171 -19.73 2.28 27.61
C PRO B 171 -20.59 3.54 27.53
N GLY B 172 -20.11 4.52 26.76
CA GLY B 172 -20.80 5.79 26.57
C GLY B 172 -20.31 6.93 27.45
N VAL B 173 -19.83 6.60 28.65
CA VAL B 173 -19.52 7.62 29.66
C VAL B 173 -18.29 8.45 29.25
N ALA B 174 -17.14 7.80 29.20
CA ALA B 174 -15.92 8.47 28.78
C ALA B 174 -16.03 8.96 27.32
N GLU B 175 -16.62 8.15 26.44
CA GLU B 175 -16.82 8.53 25.03
C GLU B 175 -17.39 9.95 24.95
N ALA B 176 -18.43 10.21 25.73
CA ALA B 176 -19.10 11.50 25.71
C ALA B 176 -18.17 12.61 26.15
N GLU B 177 -17.39 12.35 27.19
CA GLU B 177 -16.48 13.37 27.71
C GLU B 177 -15.38 13.70 26.71
N LEU B 178 -14.76 12.65 26.18
CA LEU B 178 -13.65 12.84 25.28
C LEU B 178 -14.08 13.40 23.91
N GLU B 179 -15.30 13.12 23.49
CA GLU B 179 -15.81 13.59 22.19
C GLU B 179 -16.46 14.98 22.25
N GLN B 180 -16.80 15.45 23.44
CA GLN B 180 -17.57 16.69 23.55
C GLN B 180 -16.78 17.92 23.07
N ASN B 181 -15.47 17.92 23.28
CA ASN B 181 -14.59 18.90 22.64
C ASN B 181 -13.25 18.24 22.28
N LEU B 182 -13.15 17.75 21.05
CA LEU B 182 -12.00 16.97 20.61
C LEU B 182 -10.72 17.78 20.71
N SER B 183 -10.80 19.05 20.36
CA SER B 183 -9.62 19.91 20.35
C SER B 183 -9.06 20.05 21.76
N ARG B 184 -9.94 20.30 22.72
CA ARG B 184 -9.54 20.39 24.12
C ARG B 184 -8.93 19.07 24.58
N THR B 185 -9.55 17.97 24.15
CA THR B 185 -9.14 16.62 24.52
C THR B 185 -7.69 16.35 24.20
N PHE B 186 -7.30 16.63 22.94
CA PHE B 186 -5.94 16.31 22.53
C PHE B 186 -4.92 17.26 23.10
N LYS B 187 -5.29 18.54 23.22
CA LYS B 187 -4.40 19.51 23.85
C LYS B 187 -4.17 19.18 25.32
N SER B 188 -5.20 18.65 25.98
CA SER B 188 -5.09 18.25 27.39
C SER B 188 -4.22 16.98 27.57
N LEU B 189 -4.28 16.07 26.61
CA LEU B 189 -3.54 14.80 26.71
C LEU B 189 -2.11 14.90 26.21
N PHE B 190 -1.94 15.39 25.00
CA PHE B 190 -0.63 15.39 24.36
C PHE B 190 0.18 16.53 24.89
N ARG B 191 0.89 16.28 25.99
CA ARG B 191 1.75 17.29 26.60
C ARG B 191 2.96 16.62 27.21
N ALA B 192 4.04 17.39 27.34
CA ALA B 192 5.21 16.92 28.09
C ALA B 192 4.79 16.73 29.54
N SER B 193 5.50 15.85 30.25
CA SER B 193 5.10 15.49 31.61
C SER B 193 5.18 16.67 32.59
N ASP B 194 6.03 17.65 32.29
CA ASP B 194 6.11 18.88 33.08
C ASP B 194 5.05 19.95 32.74
N GLU B 195 4.35 19.76 31.61
CA GLU B 195 3.24 20.65 31.22
C GLU B 195 1.88 20.07 31.62
N SER B 196 1.90 18.96 32.35
CA SER B 196 0.69 18.23 32.67
C SER B 196 -0.41 19.12 33.26
N VAL B 197 -1.63 18.94 32.77
CA VAL B 197 -2.80 19.60 33.36
C VAL B 197 -3.83 18.58 33.89
N LEU B 198 -3.45 17.30 33.93
CA LEU B 198 -4.35 16.24 34.39
C LEU B 198 -3.74 15.42 35.53
N SER B 199 -4.61 14.91 36.39
CA SER B 199 -4.27 13.90 37.39
C SER B 199 -5.15 12.68 37.18
N MET B 200 -4.56 11.50 37.19
CA MET B 200 -5.31 10.24 37.10
C MET B 200 -5.51 9.62 38.49
N HIS B 201 -5.63 10.47 39.51
CA HIS B 201 -5.77 10.02 40.91
C HIS B 201 -7.14 9.43 41.17
N LYS B 202 -8.16 10.29 41.22
CA LYS B 202 -9.54 9.89 41.51
C LYS B 202 -10.46 10.45 40.44
N VAL B 203 -10.54 9.75 39.31
CA VAL B 203 -11.33 10.18 38.16
C VAL B 203 -12.81 9.79 38.31
N CYS B 204 -13.05 8.56 38.77
CA CYS B 204 -14.42 8.02 38.88
C CYS B 204 -15.35 8.90 39.70
N GLU B 205 -14.98 9.14 40.96
CA GLU B 205 -15.80 9.94 41.85
C GLU B 205 -15.76 11.42 41.53
N ALA B 206 -14.61 11.91 41.05
CA ALA B 206 -14.51 13.29 40.54
C ALA B 206 -15.41 13.46 39.31
N GLY B 207 -15.68 12.35 38.63
CA GLY B 207 -16.74 12.30 37.63
C GLY B 207 -16.32 12.87 36.30
N GLY B 208 -15.19 12.39 35.79
CA GLY B 208 -14.68 12.85 34.50
C GLY B 208 -13.19 13.10 34.53
N LEU B 209 -12.56 12.89 33.38
CA LEU B 209 -11.13 13.13 33.21
C LEU B 209 -10.76 14.63 33.21
N PHE B 210 -11.67 15.49 32.78
CA PHE B 210 -11.36 16.91 32.58
C PHE B 210 -12.12 17.86 33.50
N VAL B 211 -12.60 17.35 34.62
CA VAL B 211 -13.46 18.13 35.51
C VAL B 211 -12.71 19.32 36.13
N ASN B 212 -11.41 19.16 36.38
CA ASN B 212 -10.60 20.21 37.00
C ASN B 212 -9.44 20.74 36.13
N SER B 213 -9.41 20.35 34.87
CA SER B 213 -8.39 20.84 33.93
C SER B 213 -8.93 22.06 33.19
N PRO B 214 -8.05 22.92 32.65
CA PRO B 214 -8.51 24.17 32.04
C PRO B 214 -9.46 23.97 30.85
N GLU B 215 -10.29 24.99 30.58
CA GLU B 215 -11.28 24.92 29.51
C GLU B 215 -10.63 25.10 28.13
N GLU B 216 -9.66 26.01 28.04
CA GLU B 216 -8.91 26.25 26.80
C GLU B 216 -7.43 26.05 27.08
N PRO B 217 -6.98 24.78 27.16
CA PRO B 217 -5.59 24.52 27.48
C PRO B 217 -4.63 25.09 26.44
N SER B 218 -3.45 25.48 26.91
CA SER B 218 -2.42 25.99 26.04
C SER B 218 -1.92 24.87 25.14
N LEU B 219 -1.22 25.25 24.09
CA LEU B 219 -0.71 24.32 23.11
C LEU B 219 0.61 23.77 23.62
N SER B 220 0.68 22.46 23.81
CA SER B 220 1.94 21.85 24.28
C SER B 220 3.09 22.18 23.34
N ARG B 221 4.31 22.18 23.88
CA ARG B 221 5.50 22.47 23.10
C ARG B 221 5.82 21.33 22.14
N MET B 222 5.32 20.13 22.44
CA MET B 222 5.53 18.98 21.56
C MET B 222 4.81 19.07 20.22
N VAL B 223 3.76 19.89 20.14
CA VAL B 223 2.85 19.86 19.00
C VAL B 223 2.41 21.24 18.52
N THR B 224 2.10 21.31 17.23
CA THR B 224 1.57 22.52 16.61
C THR B 224 0.07 22.39 16.56
N GLU B 225 -0.60 23.53 16.35
CA GLU B 225 -2.05 23.58 16.19
C GLU B 225 -2.50 22.67 15.04
N GLU B 226 -1.72 22.63 13.97
CA GLU B 226 -2.04 21.81 12.79
C GLU B 226 -2.00 20.32 13.13
N GLU B 227 -0.99 19.90 13.90
CA GLU B 227 -0.88 18.51 14.30
C GLU B 227 -2.07 18.10 15.18
N ILE B 228 -2.46 18.98 16.09
CA ILE B 228 -3.65 18.76 16.91
C ILE B 228 -4.90 18.60 16.04
N GLN B 229 -5.07 19.48 15.07
CA GLN B 229 -6.24 19.41 14.19
C GLN B 229 -6.27 18.14 13.36
N PHE B 230 -5.11 17.55 13.09
CA PHE B 230 -5.11 16.28 12.35
C PHE B 230 -5.77 15.21 13.22
N TYR B 231 -5.39 15.14 14.49
CA TYR B 231 -6.02 14.19 15.41
C TYR B 231 -7.52 14.45 15.52
N VAL B 232 -7.91 15.73 15.61
CA VAL B 232 -9.32 16.09 15.67
C VAL B 232 -10.08 15.47 14.47
N GLN B 233 -9.65 15.84 13.26
CA GLN B 233 -10.19 15.29 12.01
C GLN B 233 -10.33 13.76 12.06
N GLN B 234 -9.29 13.07 12.51
CA GLN B 234 -9.31 11.61 12.57
C GLN B 234 -10.42 11.05 13.47
N PHE B 235 -10.57 11.62 14.65
CA PHE B 235 -11.50 11.08 15.63
C PHE B 235 -12.95 11.47 15.38
N LYS B 236 -13.18 12.40 14.46
CA LYS B 236 -14.53 12.70 14.04
C LYS B 236 -15.17 11.54 13.29
N LYS B 237 -14.39 10.72 12.58
CA LYS B 237 -14.99 9.63 11.83
C LYS B 237 -15.72 8.67 12.78
N SER B 238 -14.96 8.06 13.70
CA SER B 238 -15.51 7.03 14.59
C SER B 238 -15.63 7.44 16.06
N GLY B 239 -14.96 8.50 16.47
CA GLY B 239 -14.99 8.87 17.88
C GLY B 239 -14.20 7.91 18.74
N PHE B 240 -14.57 7.81 20.02
CA PHE B 240 -13.75 7.12 21.03
C PHE B 240 -14.24 5.72 21.45
N ARG B 241 -15.39 5.28 20.95
CA ARG B 241 -15.94 3.97 21.35
C ARG B 241 -14.97 2.83 21.07
N GLY B 242 -14.49 2.75 19.83
CA GLY B 242 -13.55 1.73 19.41
C GLY B 242 -12.25 1.75 20.21
N PRO B 243 -11.59 2.93 20.26
CA PRO B 243 -10.39 3.07 21.09
C PRO B 243 -10.59 2.69 22.56
N LEU B 244 -11.72 3.07 23.15
CA LEU B 244 -11.99 2.74 24.55
C LEU B 244 -12.30 1.25 24.75
N ASN B 245 -12.84 0.60 23.72
CA ASN B 245 -13.13 -0.83 23.84
C ASN B 245 -11.86 -1.67 24.06
N TRP B 246 -10.71 -1.11 23.69
CA TRP B 246 -9.41 -1.72 24.01
C TRP B 246 -9.22 -1.97 25.52
N TYR B 247 -9.86 -1.13 26.34
CA TYR B 247 -9.81 -1.25 27.81
C TYR B 247 -10.83 -2.22 28.41
N ARG B 248 -11.83 -2.62 27.63
CA ARG B 248 -13.00 -3.31 28.16
C ARG B 248 -12.96 -4.80 27.86
N ASN B 249 -11.76 -5.38 27.85
CA ASN B 249 -11.58 -6.81 27.62
C ASN B 249 -10.58 -7.46 28.60
N MET B 250 -10.40 -6.88 29.78
CA MET B 250 -9.33 -7.32 30.70
C MET B 250 -9.48 -8.80 31.09
N GLU B 251 -10.69 -9.24 31.40
CA GLU B 251 -10.90 -10.63 31.80
C GLU B 251 -10.57 -11.58 30.65
N ARG B 252 -11.03 -11.24 29.45
CA ARG B 252 -10.80 -12.08 28.26
C ARG B 252 -9.32 -12.12 27.90
N ASN B 253 -8.66 -10.97 27.95
CA ASN B 253 -7.23 -10.89 27.65
C ASN B 253 -6.41 -11.70 28.64
N TRP B 254 -6.77 -11.58 29.91
CA TRP B 254 -6.15 -12.33 30.98
C TRP B 254 -6.23 -13.84 30.69
N LYS B 255 -7.46 -14.33 30.53
CA LYS B 255 -7.70 -15.74 30.22
C LYS B 255 -6.91 -16.20 29.01
N TRP B 256 -6.92 -15.40 27.94
CA TRP B 256 -6.19 -15.73 26.74
C TRP B 256 -4.71 -15.88 27.05
N ALA B 257 -4.14 -14.85 27.69
CA ALA B 257 -2.74 -14.88 28.11
C ALA B 257 -2.41 -16.06 29.02
N CYS B 258 -3.38 -16.51 29.81
CA CYS B 258 -3.17 -17.67 30.69
C CYS B 258 -3.09 -19.02 29.98
N LYS B 259 -3.01 -19.03 28.65
CA LYS B 259 -2.74 -20.24 27.90
C LYS B 259 -1.45 -20.05 27.12
N SER B 260 -0.51 -19.34 27.72
CA SER B 260 0.79 -19.02 27.11
C SER B 260 1.92 -18.98 28.13
N LEU B 261 1.70 -19.48 29.34
CA LEU B 261 2.62 -19.23 30.45
C LEU B 261 3.91 -20.03 30.31
N GLY B 262 3.88 -21.13 29.55
CA GLY B 262 5.09 -21.90 29.28
C GLY B 262 6.02 -21.26 28.27
N ARG B 263 5.46 -20.54 27.30
CA ARG B 263 6.23 -20.06 26.16
C ARG B 263 7.00 -18.81 26.48
N LYS B 264 8.24 -18.75 26.00
CA LYS B 264 9.08 -17.57 26.13
C LYS B 264 9.26 -16.91 24.76
N ILE B 265 9.69 -15.65 24.77
CA ILE B 265 9.99 -14.93 23.55
C ILE B 265 11.46 -15.20 23.22
N LEU B 266 11.72 -15.91 22.11
CA LEU B 266 13.09 -16.23 21.71
C LEU B 266 13.66 -15.29 20.63
N ILE B 267 12.78 -14.53 19.97
CA ILE B 267 13.20 -13.60 18.92
C ILE B 267 13.87 -12.36 19.51
N PRO B 268 14.58 -11.58 18.68
CA PRO B 268 15.15 -10.34 19.19
C PRO B 268 14.09 -9.38 19.72
N ALA B 269 14.39 -8.78 20.88
CA ALA B 269 13.43 -7.97 21.63
C ALA B 269 14.08 -6.70 22.18
N LEU B 270 13.32 -5.61 22.17
CA LEU B 270 13.80 -4.30 22.60
C LEU B 270 12.76 -3.67 23.51
N MET B 271 13.18 -3.27 24.72
CA MET B 271 12.32 -2.55 25.65
C MET B 271 12.83 -1.13 25.85
N VAL B 272 11.99 -0.15 25.53
CA VAL B 272 12.37 1.25 25.67
C VAL B 272 11.50 1.86 26.76
N THR B 273 12.16 2.38 27.78
CA THR B 273 11.48 2.97 28.92
C THR B 273 11.57 4.49 28.85
N ALA B 274 10.59 5.16 29.44
CA ALA B 274 10.50 6.60 29.41
C ALA B 274 10.44 7.14 30.85
N GLU B 275 11.49 7.88 31.24
CA GLU B 275 11.70 8.31 32.64
C GLU B 275 10.47 8.95 33.31
N LYS B 276 9.73 9.78 32.55
CA LYS B 276 8.61 10.55 33.10
C LYS B 276 7.23 10.02 32.69
N ASP B 277 7.16 8.82 32.14
CA ASP B 277 5.87 8.22 31.84
C ASP B 277 5.29 7.82 33.17
N PHE B 278 4.28 8.55 33.63
CA PHE B 278 3.76 8.34 34.98
C PHE B 278 2.63 7.31 35.04
N VAL B 279 2.30 6.68 33.92
CA VAL B 279 1.44 5.49 33.97
C VAL B 279 2.25 4.21 33.69
N LEU B 280 3.05 4.22 32.62
CA LEU B 280 3.90 3.07 32.29
C LEU B 280 5.33 3.33 32.77
N VAL B 281 5.46 3.22 34.08
CA VAL B 281 6.68 3.55 34.77
C VAL B 281 7.81 2.61 34.33
N PRO B 282 9.06 3.11 34.28
CA PRO B 282 10.19 2.25 33.90
C PRO B 282 10.33 0.99 34.76
N GLN B 283 10.27 1.14 36.08
CA GLN B 283 10.39 0.00 37.00
C GLN B 283 9.42 -1.15 36.71
N MET B 284 8.25 -0.84 36.12
CA MET B 284 7.32 -1.90 35.73
C MET B 284 7.95 -2.94 34.80
N SER B 285 9.05 -2.57 34.14
CA SER B 285 9.76 -3.44 33.21
C SER B 285 10.98 -4.12 33.84
N GLN B 286 11.25 -3.86 35.11
CA GLN B 286 12.58 -4.12 35.69
C GLN B 286 13.03 -5.59 35.76
N HIS B 287 12.09 -6.52 35.67
CA HIS B 287 12.41 -7.95 35.73
C HIS B 287 12.16 -8.69 34.42
N MET B 288 12.14 -7.96 33.30
CA MET B 288 11.82 -8.56 32.02
C MET B 288 12.90 -9.53 31.51
N GLU B 289 14.15 -9.32 31.91
CA GLU B 289 15.22 -10.24 31.49
C GLU B 289 15.16 -11.58 32.23
N ASP B 290 14.39 -11.68 33.31
CA ASP B 290 14.07 -12.99 33.87
C ASP B 290 13.33 -13.89 32.86
N TRP B 291 12.50 -13.30 31.99
CA TRP B 291 11.76 -14.10 30.99
C TRP B 291 12.30 -13.97 29.57
N ILE B 292 13.17 -12.99 29.34
CA ILE B 292 13.77 -12.72 28.02
C ILE B 292 15.25 -12.36 28.24
N PRO B 293 16.14 -13.37 28.27
CA PRO B 293 17.52 -13.10 28.69
C PRO B 293 18.30 -12.21 27.72
N HIS B 294 18.03 -12.37 26.43
CA HIS B 294 18.68 -11.61 25.35
C HIS B 294 18.15 -10.17 25.15
N LEU B 295 17.14 -9.78 25.92
CA LEU B 295 16.52 -8.45 25.84
C LEU B 295 17.53 -7.31 25.69
N LYS B 296 17.29 -6.45 24.72
CA LYS B 296 17.99 -5.17 24.60
C LYS B 296 17.13 -4.11 25.25
N ARG B 297 17.77 -3.06 25.74
CA ARG B 297 17.05 -1.97 26.38
C ARG B 297 17.45 -0.65 25.78
N GLY B 298 16.51 0.28 25.81
CA GLY B 298 16.80 1.69 25.61
C GLY B 298 16.13 2.48 26.72
N HIS B 299 16.70 3.64 27.05
CA HIS B 299 16.10 4.51 28.06
C HIS B 299 16.18 5.98 27.62
N ILE B 300 15.09 6.72 27.85
CA ILE B 300 15.02 8.12 27.44
C ILE B 300 14.69 8.99 28.64
N GLU B 301 15.64 9.87 28.99
CA GLU B 301 15.47 10.81 30.08
C GLU B 301 14.48 11.90 29.69
N ASP B 302 13.86 12.51 30.69
CA ASP B 302 13.00 13.67 30.50
C ASP B 302 11.89 13.42 29.48
N CYS B 303 11.44 12.17 29.37
CA CYS B 303 10.48 11.79 28.35
C CYS B 303 9.22 11.25 28.99
N GLY B 304 8.10 11.92 28.73
CA GLY B 304 6.81 11.50 29.25
C GLY B 304 6.21 10.33 28.49
N HIS B 305 4.90 10.21 28.55
CA HIS B 305 4.20 9.11 27.93
C HIS B 305 4.24 9.11 26.39
N TRP B 306 4.23 10.30 25.78
CA TRP B 306 4.06 10.43 24.33
C TRP B 306 5.44 10.37 23.66
N THR B 307 6.10 9.26 23.92
CA THR B 307 7.50 9.06 23.63
C THR B 307 7.92 9.50 22.23
N GLN B 308 7.11 9.18 21.22
CA GLN B 308 7.43 9.47 19.82
C GLN B 308 7.53 10.95 19.51
N MET B 309 6.62 11.75 20.06
CA MET B 309 6.59 13.20 19.81
C MET B 309 7.49 13.95 20.79
N ASP B 310 7.71 13.36 21.96
CA ASP B 310 8.46 14.02 23.02
C ASP B 310 9.95 13.98 22.72
N LYS B 311 10.48 12.81 22.36
CA LYS B 311 11.90 12.63 22.11
C LYS B 311 12.13 11.84 20.83
N PRO B 312 11.65 12.37 19.70
CA PRO B 312 11.73 11.70 18.40
C PRO B 312 13.14 11.36 17.92
N THR B 313 14.10 12.24 18.22
CA THR B 313 15.50 12.01 17.86
C THR B 313 16.05 10.78 18.55
N GLU B 314 15.83 10.74 19.87
CA GLU B 314 16.31 9.65 20.71
C GLU B 314 15.61 8.33 20.34
N VAL B 315 14.28 8.38 20.19
CA VAL B 315 13.53 7.20 19.70
C VAL B 315 14.12 6.68 18.39
N ASN B 316 14.34 7.58 17.43
CA ASN B 316 14.90 7.20 16.13
C ASN B 316 16.25 6.55 16.28
N GLN B 317 17.16 7.22 16.98
CA GLN B 317 18.51 6.68 17.25
C GLN B 317 18.43 5.27 17.80
N ILE B 318 17.57 5.07 18.80
CA ILE B 318 17.49 3.78 19.47
C ILE B 318 16.94 2.71 18.54
N LEU B 319 15.79 2.97 17.93
CA LEU B 319 15.19 1.98 17.03
C LEU B 319 16.11 1.61 15.88
N ILE B 320 16.74 2.60 15.25
CA ILE B 320 17.61 2.32 14.10
C ILE B 320 18.79 1.44 14.49
N LYS B 321 19.47 1.79 15.59
CA LYS B 321 20.60 1.02 16.10
C LYS B 321 20.23 -0.45 16.34
N TRP B 322 19.16 -0.68 17.09
CA TRP B 322 18.66 -2.02 17.36
C TRP B 322 18.22 -2.75 16.07
N LEU B 323 17.55 -2.06 15.15
CA LEU B 323 17.16 -2.68 13.87
C LEU B 323 18.38 -3.14 13.07
N ASP B 324 19.42 -2.30 13.02
CA ASP B 324 20.63 -2.67 12.28
C ASP B 324 21.44 -3.81 12.93
N SER B 325 21.21 -4.06 14.22
CA SER B 325 21.97 -5.06 14.99
C SER B 325 21.32 -6.44 15.06
N ASP B 326 20.12 -6.52 15.65
CA ASP B 326 19.37 -7.79 15.75
C ASP B 326 17.93 -7.68 15.26
C18 S94 C . -8.88 -2.69 -30.09
C23 S94 C . 5.49 2.41 -31.84
C16 S94 C . -7.79 -2.53 -30.92
C17 S94 C . -8.67 -2.89 -28.75
C22 S94 C . 4.40 3.18 -31.46
C24 S94 C . 5.48 1.06 -31.61
C15 S94 C . -6.51 -2.58 -30.41
C14 S94 C . -7.38 -2.95 -28.25
C21 S94 C . 3.32 2.61 -30.84
C25 S94 C . 4.38 0.48 -30.99
C10 S94 C . -6.29 -2.79 -29.07
C20 S94 C . 3.31 1.25 -30.60
C6 S94 C . -2.30 -0.89 -29.56
C4 S94 C . 0.14 1.62 -30.14
C12 S94 C . 0.82 0.42 -28.13
C3 S94 C . -4.12 -4.06 -28.70
C9 S94 C . -0.51 0.37 -30.69
C13 S94 C . 0.03 -0.78 -28.61
C2 S94 C . -4.96 -2.86 -28.45
C1 S94 C . -3.73 -2.75 -29.29
C7 S94 C . 1.31 1.29 -29.26
N8 S94 C . -0.97 -0.48 -29.62
N5 S94 C . -2.60 -2.00 -28.83
O11 S94 C . -3.20 -0.33 -30.15
O19 S94 C . 2.28 0.53 -29.98
C18 S94 D . -5.99 9.27 29.34
C23 S94 D . -0.34 -4.62 32.46
C16 S94 D . -5.40 8.46 30.30
C17 S94 D . -5.63 9.11 28.03
C22 S94 D . -1.66 -4.26 32.36
C24 S94 D . 0.65 -3.77 32.02
C15 S94 D . -4.48 7.52 29.94
C14 S94 D . -4.70 8.16 27.68
C21 S94 D . -2.01 -3.04 31.82
C25 S94 D . 0.30 -2.54 31.49
C10 S94 D . -4.11 7.35 28.62
C20 S94 D . -1.02 -2.19 31.39
C6 S94 D . -3.12 3.03 29.37
C4 S94 D . -3.24 -0.69 29.46
C12 S94 D . -1.07 -0.01 28.67
C3 S94 D . -1.72 6.43 28.62
C9 S94 D . -3.47 0.70 30.02
C13 S94 D . -1.25 1.39 29.25
C2 S94 D . -3.13 6.35 28.16
C1 S94 D . -2.59 5.32 29.10
C7 S94 D . -1.78 -1.05 29.51
N8 S94 D . -2.66 1.71 29.38
N5 S94 D . -2.40 3.97 28.68
O11 S94 D . -4.14 3.39 29.92
O19 S94 D . -1.35 -0.95 30.86
#